data_5EG1
#
_entry.id   5EG1
#
_cell.length_a   82.980
_cell.length_b   109.130
_cell.length_c   233.190
_cell.angle_alpha   90.00
_cell.angle_beta   90.00
_cell.angle_gamma   90.00
#
_symmetry.space_group_name_H-M   'P 21 21 21'
#
loop_
_entity.id
_entity.type
_entity.pdbx_description
1 polymer 'Microcin-J25 export ATP-binding/permease protein McjD'
2 non-polymer 'PHOSPHOAMINOPHOSPHONIC ACID-ADENYLATE ESTER'
3 non-polymer 'MAGNESIUM ION'
4 non-polymer '(2S)-3-{[{[(2S)-2,3-DIHYDROXYPROPYL]OXY}(HYDROXY)PHOSPHORYL]OXY}-2-[(6E)-HEXADEC-6-ENOYLOXY]PROPYL (8E)-OCTADEC-8-ENOATE'
#
_entity_poly.entity_id   1
_entity_poly.type   'polypeptide(L)'
_entity_poly.pdbx_seq_one_letter_code
;MERKQKNSLFNYIYSLMDVRGKFLFFSMLFITSLSSIIISISPLILAKITDLLSGSLSNFSYEYLVLLACLYMFCVISNK
ASVFLFMILQSSLRINMQKKMSLKYLRELYNENITNLSKNNAGYTTQSLNQASNDIYILVRNVSQNILSPVIQLISTIVV
VLSTKDWFSAGVFFLYILVFVIFNTRLTGSLASLRKHSMDITLNSYSLLSDTVDNMIAAKKNNALRLISERYEDALTQEN
NAQKKYWLLSSKVLLLNSLLAVILFGSVFIYNILGVLNGVVSIGHFIMITSYIILLSTPVENIGALLSEIRQSMSSLAGF
IQRHAENKATSPSIPFLNMERKLNLSIRELSFSYSDDKKILNSVSLDLFTGKMYSLTGPSGSGKSTLVKIISGYYKNYFG
DIYLNDISLRNISDEDLNDAIYYLTQDDYIFMDTLRFNLRLANYDASENEIFKVLKLANLSVVNNEPVSLDTHLINRGNN
YSGGQKQRISLARLFLRKPAIIIIDEATSALDYINESEILSSIRTHFPDALIINISHRINLLECSDCVYVLNEGNIVASG
HFRDLMVSNEYISGLASVTE
;
_entity_poly.pdbx_strand_id   A,B
#
# COMPACT_ATOMS: atom_id res chain seq x y z
N LEU A 9 7.83 12.86 -20.24
CA LEU A 9 6.71 12.19 -19.57
C LEU A 9 6.08 11.16 -20.50
N PHE A 10 5.63 11.61 -21.69
CA PHE A 10 4.95 10.77 -22.69
C PHE A 10 5.90 9.72 -23.27
N ASN A 11 7.21 10.03 -23.31
CA ASN A 11 8.21 9.07 -23.80
C ASN A 11 8.34 7.94 -22.77
N TYR A 12 8.26 8.28 -21.46
CA TYR A 12 8.31 7.30 -20.37
C TYR A 12 7.09 6.36 -20.44
N ILE A 13 5.89 6.90 -20.72
CA ILE A 13 4.67 6.08 -20.80
C ILE A 13 4.76 5.19 -22.04
N TYR A 14 5.20 5.76 -23.17
CA TYR A 14 5.36 5.05 -24.44
C TYR A 14 6.33 3.86 -24.29
N SER A 15 7.47 4.09 -23.58
CA SER A 15 8.51 3.08 -23.32
C SER A 15 8.00 1.85 -22.55
N LEU A 16 6.96 2.04 -21.70
CA LEU A 16 6.33 0.98 -20.91
C LEU A 16 5.51 0.01 -21.80
N MET A 17 5.28 0.38 -23.07
CA MET A 17 4.53 -0.43 -24.03
C MET A 17 5.46 -1.25 -24.94
N ASP A 18 5.34 -2.59 -24.88
CA ASP A 18 6.10 -3.46 -25.78
C ASP A 18 5.38 -3.48 -27.14
N VAL A 19 5.65 -4.48 -28.00
CA VAL A 19 4.98 -4.53 -29.31
C VAL A 19 3.46 -4.75 -29.10
N ARG A 20 3.05 -5.76 -28.28
CA ARG A 20 1.64 -6.02 -27.99
C ARG A 20 0.99 -4.79 -27.36
N GLY A 21 1.75 -4.07 -26.53
CA GLY A 21 1.27 -2.84 -25.89
C GLY A 21 0.98 -1.72 -26.85
N LYS A 22 1.83 -1.58 -27.88
CA LYS A 22 1.66 -0.54 -28.89
C LYS A 22 0.45 -0.84 -29.80
N PHE A 23 0.23 -2.12 -30.16
CA PHE A 23 -0.92 -2.57 -30.95
C PHE A 23 -2.21 -2.24 -30.23
N LEU A 24 -2.34 -2.72 -28.96
CA LEU A 24 -3.50 -2.50 -28.09
C LEU A 24 -3.82 -1.03 -27.95
N PHE A 25 -2.78 -0.18 -27.81
CA PHE A 25 -2.97 1.27 -27.72
C PHE A 25 -3.50 1.86 -29.02
N PHE A 26 -2.95 1.46 -30.17
CA PHE A 26 -3.38 2.00 -31.46
C PHE A 26 -4.74 1.48 -31.85
N SER A 27 -5.05 0.20 -31.53
CA SER A 27 -6.36 -0.39 -31.76
C SER A 27 -7.44 0.40 -30.98
N MET A 28 -7.12 0.77 -29.72
CA MET A 28 -7.98 1.60 -28.87
C MET A 28 -8.23 2.96 -29.50
N LEU A 29 -7.19 3.58 -30.11
CA LEU A 29 -7.30 4.88 -30.77
C LEU A 29 -8.12 4.79 -32.05
N PHE A 30 -7.87 3.76 -32.86
CA PHE A 30 -8.54 3.52 -34.14
C PHE A 30 -10.04 3.32 -33.95
N ILE A 31 -10.43 2.29 -33.18
CA ILE A 31 -11.81 1.91 -32.87
C ILE A 31 -12.59 3.13 -32.29
N THR A 32 -11.97 3.91 -31.37
CA THR A 32 -12.59 5.13 -30.80
C THR A 32 -12.86 6.18 -31.91
N SER A 33 -11.92 6.31 -32.87
CA SER A 33 -11.99 7.26 -33.99
C SER A 33 -13.02 6.83 -35.04
N LEU A 34 -13.00 5.54 -35.43
CA LEU A 34 -13.92 4.95 -36.40
C LEU A 34 -15.37 5.10 -35.95
N SER A 35 -15.66 4.77 -34.67
CA SER A 35 -17.00 4.87 -34.12
C SER A 35 -17.53 6.31 -34.06
N SER A 36 -16.64 7.31 -33.92
CA SER A 36 -17.09 8.69 -33.87
C SER A 36 -17.45 9.19 -35.28
N ILE A 37 -16.83 8.59 -36.33
CA ILE A 37 -17.13 8.89 -37.75
C ILE A 37 -18.55 8.38 -38.03
N ILE A 38 -18.77 7.09 -37.76
CA ILE A 38 -20.04 6.40 -37.92
C ILE A 38 -21.17 7.14 -37.16
N ILE A 39 -21.01 7.35 -35.85
CA ILE A 39 -22.07 7.98 -35.08
C ILE A 39 -22.32 9.47 -35.50
N SER A 40 -21.39 10.11 -36.25
CA SER A 40 -21.66 11.50 -36.63
C SER A 40 -22.61 11.59 -37.87
N ILE A 41 -22.92 10.45 -38.50
CA ILE A 41 -23.88 10.38 -39.62
C ILE A 41 -25.31 10.41 -39.02
N SER A 42 -25.49 9.69 -37.88
CA SER A 42 -26.73 9.46 -37.11
C SER A 42 -27.79 10.60 -37.15
N PRO A 43 -27.52 11.92 -36.82
CA PRO A 43 -28.61 12.89 -36.85
C PRO A 43 -29.19 13.13 -38.26
N LEU A 44 -28.39 12.91 -39.32
CA LEU A 44 -28.86 13.06 -40.70
C LEU A 44 -29.83 11.93 -41.06
N ILE A 45 -29.57 10.70 -40.57
CA ILE A 45 -30.45 9.56 -40.85
C ILE A 45 -31.79 9.77 -40.15
N LEU A 46 -31.77 10.37 -38.95
CA LEU A 46 -32.97 10.71 -38.19
C LEU A 46 -33.80 11.74 -38.92
N ALA A 47 -33.12 12.74 -39.51
CA ALA A 47 -33.75 13.80 -40.30
C ALA A 47 -34.50 13.20 -41.48
N LYS A 48 -33.81 12.38 -42.31
CA LYS A 48 -34.37 11.69 -43.46
C LYS A 48 -35.62 10.87 -43.06
N ILE A 49 -35.57 10.17 -41.90
CA ILE A 49 -36.71 9.44 -41.38
C ILE A 49 -37.83 10.45 -41.05
N THR A 50 -37.53 11.61 -40.43
CA THR A 50 -38.58 12.62 -40.15
C THR A 50 -39.15 13.20 -41.49
N ASP A 51 -38.30 13.39 -42.51
CA ASP A 51 -38.67 13.88 -43.84
C ASP A 51 -39.73 12.98 -44.49
N LEU A 52 -39.45 11.65 -44.51
CA LEU A 52 -40.28 10.61 -45.09
C LEU A 52 -41.64 10.51 -44.43
N LEU A 53 -41.71 10.74 -43.10
CA LEU A 53 -42.95 10.68 -42.32
C LEU A 53 -43.97 11.69 -42.78
N SER A 54 -43.51 12.88 -43.23
CA SER A 54 -44.40 13.95 -43.73
C SER A 54 -44.61 13.85 -45.28
N GLY A 55 -44.07 12.79 -45.89
CA GLY A 55 -44.20 12.52 -47.32
C GLY A 55 -45.46 11.75 -47.65
N SER A 56 -45.49 11.21 -48.88
CA SER A 56 -46.57 10.42 -49.50
C SER A 56 -46.76 9.05 -48.85
N LEU A 57 -45.66 8.46 -48.38
CA LEU A 57 -45.57 7.13 -47.80
C LEU A 57 -45.97 6.04 -48.87
N SER A 58 -45.25 6.09 -49.99
CA SER A 58 -45.34 5.12 -51.08
C SER A 58 -44.49 3.90 -50.71
N ASN A 59 -44.68 2.78 -51.42
CA ASN A 59 -43.95 1.52 -51.23
C ASN A 59 -42.44 1.79 -51.05
N PHE A 60 -41.89 2.64 -51.93
CA PHE A 60 -40.48 3.05 -52.00
C PHE A 60 -40.11 3.95 -50.81
N SER A 61 -41.01 4.88 -50.41
CA SER A 61 -40.81 5.73 -49.22
C SER A 61 -40.76 4.84 -47.94
N TYR A 62 -41.57 3.75 -47.91
CA TYR A 62 -41.58 2.78 -46.79
C TYR A 62 -40.29 1.97 -46.77
N GLU A 63 -39.86 1.47 -47.95
CA GLU A 63 -38.61 0.70 -48.09
C GLU A 63 -37.41 1.58 -47.70
N TYR A 64 -37.41 2.87 -48.13
CA TYR A 64 -36.35 3.82 -47.81
C TYR A 64 -36.30 4.13 -46.31
N LEU A 65 -37.46 4.13 -45.62
CA LEU A 65 -37.57 4.36 -44.19
C LEU A 65 -36.93 3.22 -43.39
N VAL A 66 -37.15 1.98 -43.87
CA VAL A 66 -36.63 0.77 -43.27
C VAL A 66 -35.07 0.73 -43.45
N LEU A 67 -34.55 0.87 -44.69
CA LEU A 67 -33.12 0.90 -44.99
C LEU A 67 -32.44 1.97 -44.11
N LEU A 68 -33.13 3.11 -43.93
CA LEU A 68 -32.66 4.22 -43.09
C LEU A 68 -32.61 3.80 -41.64
N ALA A 69 -33.69 3.17 -41.12
CA ALA A 69 -33.77 2.69 -39.74
C ALA A 69 -32.71 1.62 -39.47
N CYS A 70 -32.35 0.81 -40.48
CA CYS A 70 -31.30 -0.19 -40.37
C CYS A 70 -29.93 0.46 -40.27
N LEU A 71 -29.69 1.55 -41.03
CA LEU A 71 -28.42 2.29 -40.96
C LEU A 71 -28.24 2.93 -39.59
N TYR A 72 -29.33 3.52 -39.00
CA TYR A 72 -29.27 4.10 -37.66
C TYR A 72 -28.96 3.00 -36.61
N MET A 73 -29.51 1.78 -36.82
CA MET A 73 -29.24 0.66 -35.93
C MET A 73 -27.78 0.26 -36.00
N PHE A 74 -27.22 0.21 -37.23
CA PHE A 74 -25.81 -0.11 -37.47
C PHE A 74 -24.93 0.88 -36.72
N CYS A 75 -25.29 2.18 -36.77
CA CYS A 75 -24.58 3.24 -36.07
C CYS A 75 -24.54 2.95 -34.56
N VAL A 76 -25.73 2.80 -33.94
CA VAL A 76 -25.90 2.51 -32.53
C VAL A 76 -25.15 1.21 -32.14
N ILE A 77 -25.30 0.09 -32.91
CA ILE A 77 -24.63 -1.20 -32.65
C ILE A 77 -23.10 -1.03 -32.73
N SER A 78 -22.58 -0.46 -33.85
CA SER A 78 -21.14 -0.28 -34.01
C SER A 78 -20.56 0.61 -32.90
N ASN A 79 -21.28 1.68 -32.50
CA ASN A 79 -20.84 2.55 -31.41
C ASN A 79 -20.75 1.77 -30.08
N LYS A 80 -21.74 0.90 -29.78
CA LYS A 80 -21.67 0.12 -28.53
C LYS A 80 -20.61 -0.99 -28.63
N ALA A 81 -20.48 -1.66 -29.81
CA ALA A 81 -19.45 -2.68 -29.99
C ALA A 81 -18.08 -2.07 -29.74
N SER A 82 -17.90 -0.82 -30.19
CA SER A 82 -16.69 -0.04 -30.01
C SER A 82 -16.38 0.17 -28.53
N VAL A 83 -17.40 0.51 -27.71
CA VAL A 83 -17.26 0.72 -26.26
C VAL A 83 -16.74 -0.58 -25.59
N PHE A 84 -17.41 -1.71 -25.86
CA PHE A 84 -17.05 -3.03 -25.34
C PHE A 84 -15.65 -3.41 -25.80
N LEU A 85 -15.35 -3.21 -27.12
CA LEU A 85 -14.04 -3.53 -27.65
C LEU A 85 -12.95 -2.64 -27.02
N PHE A 86 -13.24 -1.34 -26.79
CA PHE A 86 -12.26 -0.45 -26.20
C PHE A 86 -11.93 -0.88 -24.78
N MET A 87 -12.95 -1.21 -23.94
CA MET A 87 -12.65 -1.58 -22.55
C MET A 87 -11.89 -2.91 -22.47
N ILE A 88 -12.15 -3.86 -23.40
CA ILE A 88 -11.44 -5.13 -23.50
C ILE A 88 -9.95 -4.85 -23.80
N LEU A 89 -9.66 -3.94 -24.75
CA LEU A 89 -8.29 -3.61 -25.12
C LEU A 89 -7.57 -2.84 -24.02
N GLN A 90 -8.31 -1.95 -23.32
CA GLN A 90 -7.82 -1.15 -22.22
C GLN A 90 -7.29 -2.04 -21.06
N SER A 91 -8.11 -3.00 -20.57
CA SER A 91 -7.68 -3.95 -19.54
C SER A 91 -6.50 -4.78 -20.04
N SER A 92 -6.52 -5.23 -21.32
CA SER A 92 -5.40 -5.99 -21.87
C SER A 92 -4.12 -5.15 -21.84
N LEU A 93 -4.24 -3.86 -22.21
CA LEU A 93 -3.12 -2.91 -22.17
C LEU A 93 -2.67 -2.62 -20.72
N ARG A 94 -3.63 -2.53 -19.74
CA ARG A 94 -3.29 -2.30 -18.32
C ARG A 94 -2.38 -3.43 -17.85
N ILE A 95 -2.84 -4.69 -18.04
CA ILE A 95 -2.12 -5.92 -17.71
C ILE A 95 -0.73 -5.87 -18.30
N ASN A 96 -0.65 -5.57 -19.61
CA ASN A 96 0.59 -5.49 -20.37
C ASN A 96 1.58 -4.48 -19.75
N MET A 97 1.17 -3.22 -19.60
CA MET A 97 2.01 -2.16 -19.07
C MET A 97 2.36 -2.31 -17.58
N GLN A 98 1.50 -2.98 -16.79
CA GLN A 98 1.65 -3.18 -15.33
C GLN A 98 3.04 -3.69 -14.88
N LYS A 99 3.43 -4.90 -15.32
CA LYS A 99 4.69 -5.54 -14.96
C LYS A 99 5.89 -4.62 -15.23
N LYS A 100 6.05 -4.16 -16.49
CA LYS A 100 7.13 -3.28 -16.92
C LYS A 100 7.26 -2.03 -16.03
N MET A 101 6.11 -1.43 -15.65
CA MET A 101 6.03 -0.25 -14.80
C MET A 101 6.61 -0.54 -13.39
N SER A 102 6.11 -1.63 -12.77
CA SER A 102 6.48 -2.06 -11.42
C SER A 102 7.97 -2.39 -11.28
N LEU A 103 8.56 -3.14 -12.25
CA LEU A 103 9.97 -3.49 -12.18
C LEU A 103 10.85 -2.26 -12.33
N LYS A 104 10.51 -1.36 -13.26
CA LYS A 104 11.23 -0.11 -13.46
C LYS A 104 11.32 0.66 -12.14
N TYR A 105 10.26 0.60 -11.31
CA TYR A 105 10.18 1.26 -10.02
C TYR A 105 11.18 0.63 -9.04
N LEU A 106 11.14 -0.71 -8.89
CA LEU A 106 12.02 -1.46 -8.00
C LEU A 106 13.47 -1.21 -8.36
N ARG A 107 13.81 -1.27 -9.68
CA ARG A 107 15.14 -1.03 -10.21
C ARG A 107 15.51 0.42 -9.99
N GLU A 108 14.54 1.33 -10.08
CA GLU A 108 14.80 2.75 -9.80
C GLU A 108 15.08 2.98 -8.33
N LEU A 109 14.42 2.20 -7.45
CA LEU A 109 14.58 2.31 -6.01
C LEU A 109 15.94 1.76 -5.56
N TYR A 110 16.42 0.69 -6.21
CA TYR A 110 17.71 0.06 -5.94
C TYR A 110 18.85 1.05 -6.23
N ASN A 111 18.72 1.86 -7.29
CA ASN A 111 19.75 2.81 -7.70
C ASN A 111 19.70 4.12 -6.92
N GLU A 112 18.74 4.27 -6.00
CA GLU A 112 18.64 5.47 -5.16
C GLU A 112 19.70 5.44 -4.02
N ASN A 113 20.06 6.64 -3.50
CA ASN A 113 21.02 6.75 -2.40
C ASN A 113 20.31 6.47 -1.07
N ILE A 114 21.05 5.89 -0.09
CA ILE A 114 20.61 5.48 1.25
C ILE A 114 19.89 6.62 1.97
N THR A 115 20.42 7.86 1.85
CA THR A 115 19.88 9.07 2.48
C THR A 115 18.45 9.35 1.99
N ASN A 116 18.21 9.17 0.69
CA ASN A 116 16.92 9.39 0.05
C ASN A 116 15.97 8.24 0.31
N LEU A 117 16.50 7.01 0.40
CA LEU A 117 15.70 5.81 0.66
C LEU A 117 15.11 5.84 2.05
N SER A 118 15.93 6.27 3.04
CA SER A 118 15.59 6.37 4.47
C SER A 118 14.49 7.40 4.75
N LYS A 119 14.32 8.39 3.84
CA LYS A 119 13.36 9.49 3.92
C LYS A 119 11.90 9.03 4.11
N ASN A 120 11.47 7.96 3.40
CA ASN A 120 10.09 7.47 3.44
C ASN A 120 9.98 5.96 3.63
N ASN A 121 8.88 5.47 4.21
CA ASN A 121 8.71 4.03 4.45
C ASN A 121 8.13 3.25 3.25
N ALA A 122 7.89 1.94 3.45
CA ALA A 122 7.32 1.03 2.46
C ALA A 122 5.89 1.41 2.15
N GLY A 123 5.10 1.74 3.18
CA GLY A 123 3.70 2.15 3.02
C GLY A 123 3.57 3.25 1.98
N TYR A 124 4.46 4.24 2.10
CA TYR A 124 4.59 5.38 1.20
C TYR A 124 5.04 4.91 -0.18
N THR A 125 6.21 4.23 -0.32
CA THR A 125 6.68 3.81 -1.65
C THR A 125 5.66 2.87 -2.36
N THR A 126 4.95 1.99 -1.61
CA THR A 126 3.94 1.07 -2.14
C THR A 126 2.76 1.89 -2.75
N GLN A 127 2.22 2.88 -2.00
CA GLN A 127 1.11 3.69 -2.47
C GLN A 127 1.58 4.72 -3.50
N SER A 128 2.89 5.02 -3.55
CA SER A 128 3.42 5.93 -4.57
C SER A 128 3.34 5.28 -5.94
N LEU A 129 3.61 3.95 -6.01
CA LEU A 129 3.52 3.17 -7.24
C LEU A 129 2.07 3.12 -7.70
N ASN A 130 1.14 2.91 -6.74
CA ASN A 130 -0.30 2.85 -6.93
C ASN A 130 -0.81 4.10 -7.67
N GLN A 131 -0.46 5.29 -7.13
CA GLN A 131 -0.85 6.59 -7.68
C GLN A 131 -0.30 6.80 -9.09
N ALA A 132 1.01 6.53 -9.31
CA ALA A 132 1.63 6.67 -10.63
C ALA A 132 1.05 5.70 -11.63
N SER A 133 0.80 4.43 -11.23
CA SER A 133 0.21 3.45 -12.16
C SER A 133 -1.15 3.95 -12.67
N ASN A 134 -2.00 4.40 -11.74
CA ASN A 134 -3.31 4.96 -12.03
C ASN A 134 -3.15 6.24 -12.88
N ASP A 135 -2.18 7.12 -12.55
CA ASP A 135 -1.97 8.33 -13.36
C ASP A 135 -1.60 7.99 -14.78
N ILE A 136 -0.79 6.92 -15.01
CA ILE A 136 -0.45 6.45 -16.35
C ILE A 136 -1.75 6.01 -17.03
N TYR A 137 -2.51 5.08 -16.38
CA TYR A 137 -3.78 4.53 -16.86
C TYR A 137 -4.67 5.64 -17.43
N ILE A 138 -4.99 6.65 -16.59
CA ILE A 138 -5.79 7.82 -16.95
C ILE A 138 -5.23 8.48 -18.24
N LEU A 139 -3.90 8.79 -18.26
CA LEU A 139 -3.27 9.42 -19.40
C LEU A 139 -3.40 8.57 -20.66
N VAL A 140 -3.10 7.25 -20.58
CA VAL A 140 -3.27 6.29 -21.69
C VAL A 140 -4.69 6.39 -22.23
N ARG A 141 -5.69 6.41 -21.32
CA ARG A 141 -7.10 6.51 -21.67
C ARG A 141 -7.43 7.83 -22.35
N ASN A 142 -7.24 8.99 -21.67
CA ASN A 142 -7.55 10.32 -22.24
C ASN A 142 -6.92 10.55 -23.62
N VAL A 143 -5.75 9.95 -23.89
CA VAL A 143 -5.09 10.08 -25.19
C VAL A 143 -5.77 9.15 -26.20
N SER A 144 -5.89 7.84 -25.90
CA SER A 144 -6.49 6.87 -26.81
C SER A 144 -8.00 7.08 -27.07
N GLN A 145 -8.71 7.85 -26.20
CA GLN A 145 -10.15 8.02 -26.34
C GLN A 145 -10.61 9.47 -26.49
N ASN A 146 -10.07 10.41 -25.71
CA ASN A 146 -10.61 11.76 -25.76
C ASN A 146 -9.87 12.78 -26.66
N ILE A 147 -9.16 12.33 -27.74
CA ILE A 147 -8.50 13.32 -28.59
C ILE A 147 -9.14 13.31 -30.00
N LEU A 148 -8.98 12.24 -30.80
CA LEU A 148 -9.54 12.20 -32.15
C LEU A 148 -11.07 12.15 -32.17
N SER A 149 -11.65 11.22 -31.39
CA SER A 149 -13.09 11.02 -31.31
C SER A 149 -13.91 12.34 -31.08
N PRO A 150 -13.69 13.15 -30.00
CA PRO A 150 -14.50 14.37 -29.85
C PRO A 150 -14.27 15.37 -30.98
N VAL A 151 -13.01 15.50 -31.46
CA VAL A 151 -12.68 16.42 -32.55
C VAL A 151 -13.51 16.03 -33.79
N ILE A 152 -13.48 14.74 -34.22
CA ILE A 152 -14.27 14.23 -35.36
C ILE A 152 -15.75 14.64 -35.21
N GLN A 153 -16.37 14.29 -34.06
CA GLN A 153 -17.76 14.56 -33.76
C GLN A 153 -18.06 16.04 -33.67
N LEU A 154 -17.12 16.87 -33.22
CA LEU A 154 -17.37 18.31 -33.14
C LEU A 154 -17.21 18.99 -34.50
N ILE A 155 -16.22 18.55 -35.30
CA ILE A 155 -15.97 19.13 -36.62
C ILE A 155 -17.20 18.84 -37.51
N SER A 156 -17.52 17.53 -37.74
CA SER A 156 -18.65 17.08 -38.57
C SER A 156 -19.95 17.78 -38.19
N THR A 157 -20.19 18.00 -36.89
CA THR A 157 -21.39 18.71 -36.43
C THR A 157 -21.43 20.09 -37.02
N ILE A 158 -20.41 20.96 -36.72
CA ILE A 158 -20.38 22.34 -37.24
C ILE A 158 -20.38 22.33 -38.80
N VAL A 159 -19.60 21.42 -39.45
CA VAL A 159 -19.59 21.29 -40.92
C VAL A 159 -21.03 21.06 -41.46
N VAL A 160 -21.72 20.00 -40.98
CA VAL A 160 -23.07 19.64 -41.43
C VAL A 160 -24.10 20.75 -41.11
N VAL A 161 -24.14 21.27 -39.87
CA VAL A 161 -25.09 22.33 -39.51
C VAL A 161 -24.79 23.60 -40.32
N LEU A 162 -23.50 23.84 -40.66
CA LEU A 162 -23.09 24.96 -41.51
C LEU A 162 -23.60 24.72 -42.95
N SER A 163 -23.52 23.46 -43.45
CA SER A 163 -23.99 23.04 -44.78
C SER A 163 -25.48 23.35 -44.97
N THR A 164 -26.33 23.00 -43.99
CA THR A 164 -27.78 23.26 -44.05
C THR A 164 -28.09 24.75 -43.86
N LYS A 165 -27.04 25.61 -43.94
CA LYS A 165 -27.05 27.07 -43.85
C LYS A 165 -27.79 27.61 -42.57
N ASP A 166 -27.80 26.81 -41.47
CA ASP A 166 -28.37 27.27 -40.21
C ASP A 166 -27.23 27.98 -39.50
N TRP A 167 -27.26 29.32 -39.47
CA TRP A 167 -26.16 30.07 -38.88
C TRP A 167 -26.32 30.18 -37.39
N PHE A 168 -27.53 30.44 -36.88
CA PHE A 168 -27.72 30.56 -35.43
C PHE A 168 -27.36 29.26 -34.68
N SER A 169 -27.77 28.09 -35.22
CA SER A 169 -27.47 26.80 -34.59
C SER A 169 -25.96 26.57 -34.60
N ALA A 170 -25.33 26.46 -35.81
CA ALA A 170 -23.88 26.26 -35.97
C ALA A 170 -23.05 27.36 -35.26
N GLY A 171 -23.67 28.54 -35.12
CA GLY A 171 -23.09 29.69 -34.44
C GLY A 171 -23.00 29.43 -32.96
N VAL A 172 -24.15 29.24 -32.30
CA VAL A 172 -24.22 28.99 -30.85
C VAL A 172 -23.50 27.65 -30.49
N PHE A 173 -23.54 26.65 -31.40
CA PHE A 173 -22.82 25.40 -31.22
C PHE A 173 -21.32 25.69 -31.10
N PHE A 174 -20.73 26.40 -32.11
CA PHE A 174 -19.32 26.81 -32.12
C PHE A 174 -19.02 27.73 -30.94
N LEU A 175 -19.98 28.59 -30.56
CA LEU A 175 -19.82 29.48 -29.43
C LEU A 175 -19.62 28.64 -28.16
N TYR A 176 -20.45 27.58 -27.96
CA TYR A 176 -20.36 26.71 -26.78
C TYR A 176 -18.97 26.07 -26.67
N ILE A 177 -18.47 25.39 -27.72
CA ILE A 177 -17.15 24.75 -27.65
C ILE A 177 -16.08 25.81 -27.32
N LEU A 178 -16.20 27.03 -27.87
CA LEU A 178 -15.28 28.12 -27.59
C LEU A 178 -15.35 28.54 -26.13
N VAL A 179 -16.55 28.89 -25.60
CA VAL A 179 -16.70 29.33 -24.19
C VAL A 179 -16.25 28.19 -23.24
N PHE A 180 -16.61 26.93 -23.59
CA PHE A 180 -16.27 25.74 -22.81
C PHE A 180 -14.75 25.58 -22.66
N VAL A 181 -14.01 25.40 -23.80
CA VAL A 181 -12.55 25.20 -23.81
C VAL A 181 -11.84 26.37 -23.09
N ILE A 182 -12.35 27.60 -23.18
CA ILE A 182 -11.76 28.74 -22.48
C ILE A 182 -12.01 28.57 -20.95
N PHE A 183 -13.29 28.60 -20.49
CA PHE A 183 -13.69 28.50 -19.08
C PHE A 183 -12.99 27.37 -18.32
N ASN A 184 -12.93 26.18 -18.94
CA ASN A 184 -12.36 24.99 -18.34
C ASN A 184 -10.87 25.09 -18.19
N THR A 185 -10.11 25.47 -19.27
CA THR A 185 -8.65 25.61 -19.18
C THR A 185 -8.28 26.66 -18.12
N ARG A 186 -9.17 27.65 -17.90
CA ARG A 186 -8.98 28.66 -16.86
C ARG A 186 -9.00 28.01 -15.47
N LEU A 187 -9.72 26.88 -15.30
CA LEU A 187 -9.85 26.25 -14.00
C LEU A 187 -9.11 24.90 -13.85
N THR A 188 -8.55 24.34 -14.95
CA THR A 188 -7.86 23.04 -14.95
C THR A 188 -6.68 22.99 -13.95
N GLY A 189 -5.78 23.98 -14.02
CA GLY A 189 -4.61 24.06 -13.14
C GLY A 189 -4.98 24.14 -11.68
N SER A 190 -6.04 24.93 -11.39
CA SER A 190 -6.59 25.12 -10.05
C SER A 190 -7.09 23.79 -9.49
N LEU A 191 -7.61 22.91 -10.38
CA LEU A 191 -8.10 21.56 -10.02
C LEU A 191 -6.93 20.61 -9.83
N ALA A 192 -5.92 20.63 -10.74
CA ALA A 192 -4.73 19.77 -10.69
C ALA A 192 -3.92 19.95 -9.37
N SER A 193 -3.73 21.22 -8.96
CA SER A 193 -3.01 21.59 -7.75
C SER A 193 -3.75 21.05 -6.53
N LEU A 194 -5.09 21.20 -6.50
CA LEU A 194 -5.93 20.74 -5.40
C LEU A 194 -5.96 19.21 -5.27
N ARG A 195 -5.80 18.53 -6.42
CA ARG A 195 -5.81 17.08 -6.54
C ARG A 195 -4.46 16.52 -6.13
N LYS A 196 -3.34 17.15 -6.57
CA LYS A 196 -1.98 16.72 -6.24
C LYS A 196 -1.78 16.78 -4.73
N HIS A 197 -2.10 17.96 -4.14
CA HIS A 197 -2.00 18.24 -2.71
C HIS A 197 -2.78 17.21 -1.91
N SER A 198 -3.94 16.76 -2.44
CA SER A 198 -4.77 15.73 -1.80
C SER A 198 -4.06 14.36 -1.83
N MET A 199 -3.63 13.94 -3.04
CA MET A 199 -2.91 12.68 -3.27
C MET A 199 -1.65 12.55 -2.44
N ASP A 200 -0.98 13.68 -2.14
CA ASP A 200 0.22 13.75 -1.33
C ASP A 200 -0.14 13.50 0.12
N ILE A 201 -1.22 14.12 0.60
CA ILE A 201 -1.73 13.91 1.97
C ILE A 201 -2.11 12.43 2.09
N THR A 202 -2.65 11.84 1.00
CA THR A 202 -3.00 10.42 0.96
C THR A 202 -1.76 9.56 1.18
N LEU A 203 -0.61 9.95 0.61
CA LEU A 203 0.64 9.22 0.81
C LEU A 203 1.01 9.30 2.30
N ASN A 204 1.01 10.53 2.85
CA ASN A 204 1.28 10.79 4.24
C ASN A 204 0.45 9.86 5.14
N SER A 205 -0.85 9.68 4.79
CA SER A 205 -1.76 8.83 5.55
C SER A 205 -1.42 7.34 5.46
N TYR A 206 -1.00 6.86 4.28
CA TYR A 206 -0.60 5.46 4.12
C TYR A 206 0.71 5.18 4.84
N SER A 207 1.58 6.20 4.87
CA SER A 207 2.87 6.21 5.54
C SER A 207 2.67 6.02 7.04
N LEU A 208 1.72 6.76 7.63
CA LEU A 208 1.37 6.67 9.04
C LEU A 208 0.68 5.36 9.37
N LEU A 209 -0.07 4.79 8.43
CA LEU A 209 -0.71 3.50 8.70
C LEU A 209 0.36 2.42 8.78
N SER A 210 1.28 2.34 7.78
CA SER A 210 2.32 1.32 7.78
C SER A 210 3.30 1.50 8.98
N ASP A 211 3.56 2.77 9.38
CA ASP A 211 4.40 3.08 10.53
C ASP A 211 3.77 2.53 11.79
N THR A 212 2.44 2.76 11.96
CA THR A 212 1.70 2.26 13.12
C THR A 212 1.63 0.72 13.10
N VAL A 213 1.29 0.11 11.94
CA VAL A 213 1.19 -1.36 11.84
C VAL A 213 2.55 -2.02 12.11
N ASP A 214 3.67 -1.45 11.61
CA ASP A 214 4.99 -2.05 11.82
C ASP A 214 5.39 -2.02 13.31
N ASN A 215 4.91 -1.00 14.05
CA ASN A 215 5.20 -0.82 15.47
C ASN A 215 3.95 -1.06 16.35
N MET A 216 3.09 -2.01 15.94
CA MET A 216 1.83 -2.30 16.63
C MET A 216 2.06 -2.85 18.05
N ILE A 217 2.94 -3.86 18.16
CA ILE A 217 3.32 -4.56 19.40
C ILE A 217 3.71 -3.53 20.43
N ALA A 218 4.54 -2.51 20.05
CA ALA A 218 4.95 -1.43 20.95
C ALA A 218 3.74 -0.66 21.47
N ALA A 219 2.84 -0.23 20.56
CA ALA A 219 1.62 0.52 20.87
C ALA A 219 0.61 -0.30 21.69
N LYS A 220 0.52 -1.62 21.40
CA LYS A 220 -0.32 -2.58 22.09
C LYS A 220 0.12 -2.71 23.56
N LYS A 221 1.42 -2.99 23.77
CA LYS A 221 2.03 -3.21 25.08
C LYS A 221 2.06 -1.95 25.93
N ASN A 222 1.99 -0.77 25.30
CA ASN A 222 2.00 0.48 26.05
C ASN A 222 0.58 1.01 26.22
N ASN A 223 -0.43 0.16 25.84
CA ASN A 223 -1.87 0.46 25.85
C ASN A 223 -2.13 1.87 25.24
N ALA A 224 -1.48 2.13 24.08
CA ALA A 224 -1.45 3.42 23.43
C ALA A 224 -2.50 3.60 22.32
N LEU A 225 -3.59 2.76 22.32
CA LEU A 225 -4.64 2.85 21.29
C LEU A 225 -5.07 4.29 21.03
N ARG A 226 -5.38 5.04 22.09
CA ARG A 226 -5.79 6.43 22.02
C ARG A 226 -4.75 7.27 21.25
N LEU A 227 -3.46 7.25 21.66
CA LEU A 227 -2.42 8.05 21.01
C LEU A 227 -2.21 7.69 19.53
N ILE A 228 -2.23 6.38 19.22
CA ILE A 228 -2.08 5.79 17.89
C ILE A 228 -3.28 6.18 16.97
N SER A 229 -4.53 5.94 17.49
CA SER A 229 -5.80 6.21 16.83
C SER A 229 -5.92 7.69 16.54
N GLU A 230 -5.67 8.54 17.55
CA GLU A 230 -5.74 10.00 17.43
C GLU A 230 -4.88 10.48 16.25
N ARG A 231 -3.60 10.04 16.19
CA ARG A 231 -2.63 10.41 15.14
C ARG A 231 -3.19 10.11 13.73
N TYR A 232 -3.74 8.90 13.55
CA TYR A 232 -4.30 8.45 12.28
C TYR A 232 -5.55 9.26 11.93
N GLU A 233 -6.48 9.39 12.88
CA GLU A 233 -7.70 10.17 12.77
C GLU A 233 -7.37 11.60 12.36
N ASP A 234 -6.26 12.18 12.87
CA ASP A 234 -5.84 13.52 12.45
C ASP A 234 -5.45 13.51 10.97
N ALA A 235 -4.65 12.49 10.53
CA ALA A 235 -4.18 12.31 9.15
C ALA A 235 -5.34 12.15 8.20
N LEU A 236 -6.34 11.33 8.61
CA LEU A 236 -7.55 11.09 7.82
C LEU A 236 -8.36 12.39 7.66
N THR A 237 -8.41 13.22 8.72
CA THR A 237 -9.08 14.52 8.70
C THR A 237 -8.31 15.44 7.76
N GLN A 238 -6.98 15.38 7.73
CA GLN A 238 -6.24 16.19 6.76
C GLN A 238 -6.54 15.73 5.32
N GLU A 239 -6.85 14.41 5.16
CA GLU A 239 -7.14 13.76 3.88
C GLU A 239 -8.51 14.21 3.37
N ASN A 240 -9.56 14.09 4.24
CA ASN A 240 -10.94 14.48 3.91
C ASN A 240 -11.00 15.93 3.52
N ASN A 241 -10.41 16.83 4.32
CA ASN A 241 -10.40 18.26 4.02
C ASN A 241 -9.79 18.55 2.65
N ALA A 242 -8.68 17.86 2.28
CA ALA A 242 -8.01 18.03 0.99
C ALA A 242 -8.84 17.51 -0.17
N GLN A 243 -9.62 16.44 0.11
CA GLN A 243 -10.50 15.77 -0.85
C GLN A 243 -11.77 16.60 -1.09
N LYS A 244 -12.37 17.13 0.00
CA LYS A 244 -13.57 17.99 -0.02
C LYS A 244 -13.29 19.26 -0.83
N LYS A 245 -12.08 19.85 -0.68
CA LYS A 245 -11.68 21.05 -1.40
C LYS A 245 -11.66 20.81 -2.91
N TYR A 246 -11.25 19.60 -3.36
CA TYR A 246 -11.26 19.21 -4.77
C TYR A 246 -12.68 18.97 -5.22
N TRP A 247 -13.45 18.24 -4.39
CA TRP A 247 -14.83 17.88 -4.64
C TRP A 247 -15.66 19.12 -4.97
N LEU A 248 -15.61 20.16 -4.11
CA LEU A 248 -16.34 21.41 -4.30
C LEU A 248 -15.99 22.07 -5.61
N LEU A 249 -14.70 22.31 -5.88
CA LEU A 249 -14.32 22.92 -7.15
C LEU A 249 -14.79 22.07 -8.32
N SER A 250 -14.57 20.74 -8.26
CA SER A 250 -15.01 19.79 -9.29
C SER A 250 -16.53 19.87 -9.53
N SER A 251 -17.31 19.87 -8.42
CA SER A 251 -18.77 19.98 -8.43
C SER A 251 -19.25 21.30 -9.01
N LYS A 252 -18.55 22.42 -8.67
CA LYS A 252 -18.91 23.73 -9.19
C LYS A 252 -18.69 23.78 -10.71
N VAL A 253 -17.48 23.38 -11.20
CA VAL A 253 -17.15 23.32 -12.64
C VAL A 253 -18.24 22.55 -13.41
N LEU A 254 -18.59 21.34 -12.93
CA LEU A 254 -19.63 20.51 -13.53
C LEU A 254 -20.99 21.22 -13.56
N LEU A 255 -21.43 21.85 -12.45
CA LEU A 255 -22.73 22.54 -12.42
C LEU A 255 -22.72 23.79 -13.32
N LEU A 256 -21.60 24.57 -13.35
CA LEU A 256 -21.48 25.74 -14.23
C LEU A 256 -21.42 25.32 -15.70
N ASN A 257 -20.74 24.18 -16.01
CA ASN A 257 -20.68 23.70 -17.40
C ASN A 257 -22.03 23.20 -17.86
N SER A 258 -22.82 22.61 -16.92
CA SER A 258 -24.17 22.12 -17.17
C SER A 258 -25.14 23.28 -17.42
N LEU A 259 -25.08 24.33 -16.57
CA LEU A 259 -25.89 25.55 -16.69
C LEU A 259 -25.58 26.30 -17.97
N LEU A 260 -24.30 26.29 -18.42
CA LEU A 260 -23.93 26.94 -19.67
C LEU A 260 -24.57 26.20 -20.85
N ALA A 261 -24.50 24.86 -20.84
CA ALA A 261 -25.07 23.98 -21.88
C ALA A 261 -26.58 24.17 -21.98
N VAL A 262 -27.27 24.21 -20.83
CA VAL A 262 -28.72 24.43 -20.75
C VAL A 262 -29.08 25.79 -21.39
N ILE A 263 -28.34 26.87 -21.03
CA ILE A 263 -28.59 28.20 -21.57
C ILE A 263 -28.28 28.26 -23.08
N LEU A 264 -27.09 27.80 -23.53
CA LEU A 264 -26.74 27.89 -24.94
C LEU A 264 -27.51 26.92 -25.81
N PHE A 265 -27.50 25.60 -25.50
CA PHE A 265 -28.23 24.63 -26.35
C PHE A 265 -29.75 24.76 -26.21
N GLY A 266 -30.22 25.28 -25.08
CA GLY A 266 -31.64 25.54 -24.82
C GLY A 266 -32.15 26.60 -25.77
N SER A 267 -31.32 27.64 -26.03
CA SER A 267 -31.65 28.72 -26.95
C SER A 267 -31.78 28.14 -28.38
N VAL A 268 -30.77 27.36 -28.85
CA VAL A 268 -30.79 26.70 -30.16
C VAL A 268 -32.08 25.85 -30.32
N PHE A 269 -32.55 25.21 -29.22
CA PHE A 269 -33.77 24.41 -29.20
C PHE A 269 -35.01 25.31 -29.32
N ILE A 270 -35.08 26.43 -28.55
CA ILE A 270 -36.20 27.38 -28.59
C ILE A 270 -36.25 28.07 -29.97
N TYR A 271 -35.10 28.50 -30.50
CA TYR A 271 -34.97 29.14 -31.81
C TYR A 271 -35.57 28.26 -32.90
N ASN A 272 -35.17 26.96 -32.95
CA ASN A 272 -35.68 26.02 -33.96
C ASN A 272 -37.14 25.65 -33.69
N ILE A 273 -37.64 25.78 -32.43
CA ILE A 273 -39.05 25.55 -32.14
C ILE A 273 -39.85 26.65 -32.86
N LEU A 274 -39.46 27.93 -32.62
CA LEU A 274 -40.10 29.10 -33.21
C LEU A 274 -39.98 29.05 -34.73
N GLY A 275 -38.84 28.56 -35.26
CA GLY A 275 -38.59 28.36 -36.69
C GLY A 275 -39.56 27.36 -37.28
N VAL A 276 -39.91 26.31 -36.52
CA VAL A 276 -40.87 25.28 -36.96
C VAL A 276 -42.31 25.85 -36.87
N LEU A 277 -42.64 26.63 -35.80
CA LEU A 277 -43.96 27.23 -35.61
C LEU A 277 -44.28 28.33 -36.65
N ASN A 278 -43.24 29.00 -37.19
CA ASN A 278 -43.38 30.08 -38.16
C ASN A 278 -43.02 29.61 -39.57
N GLY A 279 -43.06 28.30 -39.81
CA GLY A 279 -42.78 27.67 -41.10
C GLY A 279 -41.43 27.94 -41.72
N VAL A 280 -40.55 28.67 -41.01
CA VAL A 280 -39.20 29.02 -41.45
C VAL A 280 -38.28 27.76 -41.54
N VAL A 281 -38.40 26.84 -40.54
CA VAL A 281 -37.62 25.61 -40.37
C VAL A 281 -38.50 24.36 -40.52
N SER A 282 -38.00 23.33 -41.23
CA SER A 282 -38.72 22.06 -41.42
C SER A 282 -38.65 21.23 -40.16
N ILE A 283 -39.56 20.22 -40.00
CA ILE A 283 -39.56 19.34 -38.82
C ILE A 283 -38.32 18.44 -38.92
N GLY A 284 -38.02 17.96 -40.14
CA GLY A 284 -36.84 17.15 -40.44
C GLY A 284 -35.53 17.78 -39.99
N HIS A 285 -35.42 19.13 -40.15
CA HIS A 285 -34.25 19.91 -39.72
C HIS A 285 -34.30 20.11 -38.21
N PHE A 286 -35.51 20.39 -37.64
CA PHE A 286 -35.71 20.58 -36.20
C PHE A 286 -35.27 19.33 -35.42
N ILE A 287 -35.59 18.11 -35.93
CA ILE A 287 -35.18 16.84 -35.32
C ILE A 287 -33.65 16.77 -35.40
N MET A 288 -33.07 16.90 -36.62
CA MET A 288 -31.62 16.88 -36.88
C MET A 288 -30.83 17.83 -35.93
N ILE A 289 -31.42 18.99 -35.60
CA ILE A 289 -30.80 19.94 -34.70
C ILE A 289 -30.86 19.41 -33.25
N THR A 290 -32.05 18.94 -32.76
CA THR A 290 -32.13 18.39 -31.37
C THR A 290 -31.27 17.11 -31.29
N SER A 291 -31.32 16.29 -32.36
CA SER A 291 -30.51 15.09 -32.52
C SER A 291 -29.01 15.45 -32.40
N TYR A 292 -28.58 16.64 -32.92
CA TYR A 292 -27.20 17.10 -32.78
C TYR A 292 -26.93 17.60 -31.38
N ILE A 293 -27.89 18.31 -30.76
CA ILE A 293 -27.74 18.78 -29.37
C ILE A 293 -27.49 17.58 -28.41
N ILE A 294 -28.37 16.55 -28.49
CA ILE A 294 -28.25 15.34 -27.68
C ILE A 294 -26.91 14.64 -27.96
N LEU A 295 -26.58 14.36 -29.26
CA LEU A 295 -25.32 13.68 -29.63
C LEU A 295 -24.05 14.38 -29.09
N LEU A 296 -24.01 15.74 -29.11
CA LEU A 296 -22.86 16.54 -28.70
C LEU A 296 -22.43 16.40 -27.24
N SER A 297 -23.31 15.92 -26.32
CA SER A 297 -22.94 15.80 -24.91
C SER A 297 -21.68 14.93 -24.68
N THR A 298 -21.64 13.68 -25.21
CA THR A 298 -20.48 12.79 -25.03
C THR A 298 -19.19 13.45 -25.58
N PRO A 299 -19.05 13.98 -26.82
CA PRO A 299 -17.77 14.64 -27.17
C PRO A 299 -17.45 15.84 -26.26
N VAL A 300 -18.48 16.65 -25.82
CA VAL A 300 -18.27 17.78 -24.88
C VAL A 300 -17.69 17.21 -23.57
N GLU A 301 -18.27 16.10 -23.08
CA GLU A 301 -17.83 15.40 -21.87
C GLU A 301 -16.41 14.89 -22.01
N ASN A 302 -16.08 14.24 -23.14
CA ASN A 302 -14.73 13.72 -23.38
C ASN A 302 -13.70 14.85 -23.47
N ILE A 303 -14.10 16.06 -23.97
CA ILE A 303 -13.20 17.23 -23.99
C ILE A 303 -13.05 17.75 -22.55
N GLY A 304 -14.15 17.76 -21.78
CA GLY A 304 -14.19 18.12 -20.37
C GLY A 304 -13.23 17.28 -19.54
N ALA A 305 -13.16 15.95 -19.89
CA ALA A 305 -12.25 15.00 -19.26
C ALA A 305 -10.85 15.30 -19.76
N LEU A 306 -10.60 15.26 -21.09
CA LEU A 306 -9.29 15.55 -21.69
C LEU A 306 -8.65 16.78 -21.11
N LEU A 307 -9.41 17.90 -21.09
CA LEU A 307 -8.89 19.14 -20.55
C LEU A 307 -8.50 18.94 -19.09
N SER A 308 -9.44 18.51 -18.24
CA SER A 308 -9.17 18.35 -16.81
C SER A 308 -8.29 17.14 -16.43
N GLU A 309 -8.50 15.97 -17.02
CA GLU A 309 -7.76 14.76 -16.65
C GLU A 309 -6.32 14.79 -17.18
N ILE A 310 -6.06 15.17 -18.45
CA ILE A 310 -4.68 15.19 -18.97
C ILE A 310 -3.78 16.10 -18.10
N ARG A 311 -4.29 17.25 -17.62
CA ARG A 311 -3.51 18.19 -16.82
C ARG A 311 -3.26 17.66 -15.40
N GLN A 312 -4.30 17.14 -14.73
CA GLN A 312 -4.12 16.69 -13.36
C GLN A 312 -3.32 15.39 -13.26
N SER A 313 -3.38 14.48 -14.26
CA SER A 313 -2.57 13.26 -14.19
C SER A 313 -1.17 13.52 -14.72
N MET A 314 -0.92 14.72 -15.27
CA MET A 314 0.43 15.05 -15.71
C MET A 314 1.16 15.71 -14.58
N SER A 315 0.42 16.50 -13.75
CA SER A 315 0.94 17.22 -12.58
C SER A 315 1.43 16.21 -11.52
N SER A 316 0.55 15.30 -11.09
CA SER A 316 0.86 14.27 -10.10
C SER A 316 1.87 13.26 -10.64
N LEU A 317 1.95 13.06 -11.97
CA LEU A 317 2.94 12.13 -12.51
C LEU A 317 4.27 12.85 -12.65
N ALA A 318 4.27 14.20 -12.78
CA ALA A 318 5.50 14.99 -12.85
C ALA A 318 6.25 14.86 -11.53
N GLY A 319 5.52 15.07 -10.42
CA GLY A 319 6.02 14.94 -9.06
C GLY A 319 6.67 13.59 -8.80
N PHE A 320 6.02 12.49 -9.24
CA PHE A 320 6.50 11.12 -9.09
C PHE A 320 7.84 10.91 -9.82
N ILE A 321 8.05 11.55 -10.99
CA ILE A 321 9.30 11.42 -11.74
C ILE A 321 10.43 12.22 -11.03
N GLN A 322 10.08 13.41 -10.48
CA GLN A 322 11.00 14.31 -9.77
C GLN A 322 11.62 13.60 -8.53
N ARG A 323 10.76 13.14 -7.60
CA ARG A 323 11.21 12.45 -6.38
C ARG A 323 11.80 11.02 -6.65
N HIS A 324 11.74 10.51 -7.89
CA HIS A 324 12.28 9.16 -8.15
C HIS A 324 13.31 9.11 -9.30
N ALA A 325 13.99 10.23 -9.61
CA ALA A 325 15.05 10.25 -10.62
C ALA A 325 16.09 11.35 -10.35
N GLU A 326 15.95 12.10 -9.24
CA GLU A 326 16.83 13.21 -8.86
C GLU A 326 17.69 12.91 -7.60
N ASN A 327 18.39 13.97 -7.11
CA ASN A 327 19.27 14.04 -5.93
C ASN A 327 20.51 13.12 -6.07
N LYS A 328 21.27 13.33 -7.17
CA LYS A 328 22.53 12.66 -7.51
C LYS A 328 23.66 13.70 -7.42
N ALA A 329 24.70 13.42 -6.60
CA ALA A 329 25.83 14.33 -6.37
C ALA A 329 26.73 14.46 -7.61
N THR A 330 27.61 13.47 -7.89
CA THR A 330 28.52 13.48 -9.04
C THR A 330 28.89 12.04 -9.48
N SER A 331 29.76 11.35 -8.69
CA SER A 331 30.30 9.99 -8.88
C SER A 331 31.09 9.86 -10.23
N PRO A 332 32.42 10.19 -10.24
CA PRO A 332 33.20 10.06 -11.49
C PRO A 332 33.40 8.60 -11.93
N SER A 333 33.49 7.68 -10.95
CA SER A 333 33.64 6.22 -11.10
C SER A 333 34.98 5.84 -11.76
N ILE A 334 35.12 4.56 -12.14
CA ILE A 334 36.31 3.97 -12.77
C ILE A 334 35.82 2.95 -13.83
N PRO A 335 36.40 2.91 -15.07
CA PRO A 335 35.87 2.00 -16.10
C PRO A 335 36.00 0.50 -15.76
N PHE A 336 37.23 -0.06 -15.82
CA PHE A 336 37.49 -1.45 -15.50
C PHE A 336 38.51 -1.56 -14.37
N LEU A 337 38.02 -1.60 -13.13
CA LEU A 337 38.84 -1.73 -11.94
C LEU A 337 38.74 -3.15 -11.39
N ASN A 338 39.90 -3.77 -11.20
CA ASN A 338 40.02 -5.10 -10.62
C ASN A 338 40.88 -4.93 -9.37
N MET A 339 40.18 -4.70 -8.24
CA MET A 339 40.75 -4.44 -6.93
C MET A 339 41.71 -5.53 -6.46
N GLU A 340 42.80 -5.10 -5.81
CA GLU A 340 43.85 -5.97 -5.26
C GLU A 340 43.30 -6.78 -4.10
N ARG A 341 43.71 -8.06 -4.00
CA ARG A 341 43.30 -8.98 -2.92
C ARG A 341 43.61 -8.41 -1.54
N LYS A 342 44.69 -7.59 -1.45
CA LYS A 342 45.18 -6.95 -0.24
C LYS A 342 44.95 -5.45 -0.33
N LEU A 343 44.12 -4.90 0.58
CA LEU A 343 43.80 -3.48 0.58
C LEU A 343 44.01 -2.86 1.94
N ASN A 344 44.57 -1.65 1.95
CA ASN A 344 44.86 -0.84 3.13
C ASN A 344 43.97 0.37 3.13
N LEU A 345 43.53 0.79 4.31
CA LEU A 345 42.63 1.94 4.44
C LEU A 345 43.35 3.17 4.99
N SER A 346 43.16 4.33 4.34
CA SER A 346 43.79 5.58 4.79
C SER A 346 42.80 6.74 4.83
N ILE A 347 42.31 7.05 6.03
CA ILE A 347 41.34 8.12 6.29
C ILE A 347 42.11 9.38 6.69
N ARG A 348 41.99 10.45 5.88
CA ARG A 348 42.74 11.67 6.12
C ARG A 348 41.81 12.88 6.34
N GLU A 349 41.82 13.42 7.59
CA GLU A 349 41.08 14.60 8.06
C GLU A 349 39.57 14.56 7.72
N LEU A 350 38.96 13.36 7.84
CA LEU A 350 37.55 13.10 7.54
C LEU A 350 36.63 13.87 8.49
N SER A 351 35.73 14.64 7.89
CA SER A 351 34.74 15.43 8.60
C SER A 351 33.39 15.19 7.94
N PHE A 352 32.33 15.10 8.76
CA PHE A 352 30.99 14.80 8.24
C PHE A 352 29.90 15.29 9.16
N SER A 353 28.80 15.69 8.52
CA SER A 353 27.58 16.13 9.14
C SER A 353 26.43 15.45 8.40
N TYR A 354 25.37 15.08 9.14
CA TYR A 354 24.21 14.43 8.56
C TYR A 354 23.24 15.50 8.03
N SER A 355 22.91 16.49 8.88
CA SER A 355 21.99 17.59 8.56
C SER A 355 22.65 18.97 8.64
N ASP A 356 24.02 19.03 8.59
CA ASP A 356 24.88 20.23 8.63
C ASP A 356 24.75 21.04 9.94
N ASP A 357 23.61 20.89 10.65
CA ASP A 357 23.27 21.55 11.91
C ASP A 357 24.30 21.26 13.02
N LYS A 358 24.88 20.04 13.03
CA LYS A 358 25.86 19.56 14.00
C LYS A 358 26.88 18.63 13.31
N LYS A 359 28.15 18.71 13.72
CA LYS A 359 29.25 17.89 13.18
C LYS A 359 29.32 16.58 13.94
N ILE A 360 29.30 15.46 13.19
CA ILE A 360 29.32 14.12 13.77
C ILE A 360 30.76 13.60 13.79
N LEU A 361 31.53 13.78 12.70
CA LEU A 361 32.95 13.44 12.66
C LEU A 361 33.75 14.72 12.57
N ASN A 362 34.59 14.98 13.60
CA ASN A 362 35.38 16.21 13.70
C ASN A 362 36.48 16.27 12.62
N SER A 363 37.56 15.46 12.73
CA SER A 363 38.64 15.42 11.73
C SER A 363 39.39 14.10 11.85
N VAL A 364 38.63 13.00 11.71
CA VAL A 364 39.14 11.63 11.84
C VAL A 364 40.27 11.38 10.83
N SER A 365 41.44 11.08 11.40
CA SER A 365 42.66 10.72 10.68
C SER A 365 43.10 9.37 11.22
N LEU A 366 43.08 8.35 10.34
CA LEU A 366 43.38 6.95 10.66
C LEU A 366 44.19 6.31 9.54
N ASP A 367 44.85 5.18 9.83
CA ASP A 367 45.63 4.41 8.85
C ASP A 367 45.61 2.96 9.28
N LEU A 368 45.00 2.13 8.44
CA LEU A 368 44.78 0.71 8.72
C LEU A 368 45.38 -0.16 7.62
N PHE A 369 45.74 -1.41 7.96
CA PHE A 369 46.45 -2.28 7.02
C PHE A 369 45.92 -3.71 6.95
N THR A 370 46.22 -4.38 5.84
CA THR A 370 45.91 -5.76 5.46
C THR A 370 46.16 -6.75 6.59
N GLY A 371 45.38 -7.83 6.62
CA GLY A 371 45.48 -8.94 7.58
C GLY A 371 45.48 -8.61 9.08
N LYS A 372 45.23 -7.34 9.45
CA LYS A 372 45.21 -6.90 10.84
C LYS A 372 43.79 -6.55 11.29
N MET A 373 43.44 -6.95 12.53
CA MET A 373 42.14 -6.69 13.13
C MET A 373 42.21 -5.43 13.99
N TYR A 374 41.27 -4.51 13.82
CA TYR A 374 41.25 -3.27 14.59
C TYR A 374 39.94 -3.12 15.31
N SER A 375 39.98 -2.61 16.53
CA SER A 375 38.77 -2.38 17.31
C SER A 375 38.47 -0.90 17.40
N LEU A 376 37.20 -0.55 17.28
CA LEU A 376 36.76 0.82 17.42
C LEU A 376 35.70 0.87 18.50
N THR A 377 35.90 1.71 19.50
CA THR A 377 34.93 1.84 20.59
C THR A 377 34.78 3.30 20.99
N GLY A 378 33.85 3.55 21.89
CA GLY A 378 33.52 4.87 22.37
C GLY A 378 32.08 4.90 22.84
N PRO A 379 31.63 6.05 23.40
CA PRO A 379 30.24 6.11 23.90
C PRO A 379 29.22 6.13 22.77
N SER A 380 27.99 5.71 23.09
CA SER A 380 26.89 5.68 22.13
C SER A 380 26.55 7.12 21.68
N GLY A 381 26.89 7.44 20.44
CA GLY A 381 26.70 8.77 19.88
C GLY A 381 27.98 9.43 19.42
N SER A 382 29.13 8.75 19.67
CA SER A 382 30.47 9.21 19.25
C SER A 382 30.55 9.25 17.70
N GLY A 383 30.09 8.18 17.05
CA GLY A 383 30.06 8.10 15.59
C GLY A 383 30.86 6.96 15.00
N LYS A 384 30.72 5.76 15.60
CA LYS A 384 31.44 4.56 15.12
C LYS A 384 30.80 4.09 13.81
N SER A 385 29.46 3.88 13.86
CA SER A 385 28.62 3.49 12.75
C SER A 385 28.76 4.49 11.61
N THR A 386 28.60 5.82 11.90
CA THR A 386 28.74 6.92 10.93
C THR A 386 30.01 6.74 10.10
N LEU A 387 31.15 6.62 10.80
CA LEU A 387 32.48 6.46 10.20
C LEU A 387 32.54 5.24 9.26
N VAL A 388 32.13 4.03 9.75
CA VAL A 388 32.16 2.82 8.93
C VAL A 388 31.15 2.92 7.78
N LYS A 389 30.02 3.61 7.98
CA LYS A 389 29.02 3.81 6.93
C LYS A 389 29.64 4.59 5.76
N ILE A 390 30.44 5.66 6.06
CA ILE A 390 31.15 6.52 5.10
C ILE A 390 32.21 5.67 4.37
N ILE A 391 32.90 4.81 5.12
CA ILE A 391 33.90 3.88 4.57
C ILE A 391 33.17 2.89 3.60
N SER A 392 31.92 2.51 3.93
CA SER A 392 31.10 1.58 3.16
C SER A 392 30.33 2.30 2.01
N GLY A 393 30.58 3.60 1.85
CA GLY A 393 29.96 4.45 0.83
C GLY A 393 28.48 4.73 1.00
N TYR A 394 27.97 4.76 2.26
CA TYR A 394 26.55 5.08 2.53
C TYR A 394 26.29 6.52 2.19
N TYR A 395 27.28 7.38 2.51
CA TYR A 395 27.25 8.83 2.32
C TYR A 395 28.50 9.30 1.56
N LYS A 396 28.34 10.34 0.72
CA LYS A 396 29.41 10.90 -0.13
C LYS A 396 29.67 12.39 0.15
N ASN A 397 28.78 13.05 0.93
CA ASN A 397 28.91 14.47 1.29
C ASN A 397 29.86 14.64 2.50
N TYR A 398 31.15 14.28 2.30
CA TYR A 398 32.15 14.38 3.37
C TYR A 398 33.33 15.25 2.98
N PHE A 399 33.89 15.94 3.99
CA PHE A 399 35.09 16.76 3.87
C PHE A 399 36.27 15.86 4.26
N GLY A 400 37.38 16.00 3.55
CA GLY A 400 38.55 15.15 3.77
C GLY A 400 38.61 14.08 2.70
N ASP A 401 39.52 13.10 2.87
CA ASP A 401 39.70 12.06 1.86
C ASP A 401 39.83 10.67 2.48
N ILE A 402 39.45 9.62 1.72
CA ILE A 402 39.56 8.21 2.12
C ILE A 402 40.16 7.44 0.94
N TYR A 403 41.29 6.77 1.17
CA TYR A 403 41.99 6.01 0.12
C TYR A 403 41.95 4.52 0.37
N LEU A 404 42.17 3.75 -0.70
CA LEU A 404 42.20 2.30 -0.71
C LEU A 404 43.34 1.86 -1.61
N ASN A 405 44.61 1.95 -1.11
CA ASN A 405 45.85 1.64 -1.85
C ASN A 405 46.02 2.68 -2.99
N ASP A 406 46.11 4.00 -2.62
CA ASP A 406 46.26 5.18 -3.51
C ASP A 406 44.93 5.63 -4.15
N ILE A 407 44.04 4.68 -4.54
CA ILE A 407 42.71 4.92 -5.15
C ILE A 407 41.75 5.55 -4.12
N SER A 408 41.19 6.74 -4.43
CA SER A 408 40.24 7.40 -3.53
C SER A 408 38.86 6.74 -3.64
N LEU A 409 38.04 6.82 -2.56
CA LEU A 409 36.67 6.27 -2.53
C LEU A 409 35.80 6.92 -3.59
N ARG A 410 35.98 8.24 -3.77
CA ARG A 410 35.27 9.09 -4.74
C ARG A 410 35.41 8.53 -6.17
N ASN A 411 36.56 7.91 -6.49
CA ASN A 411 36.79 7.32 -7.81
C ASN A 411 36.50 5.80 -7.82
N ILE A 412 35.80 5.28 -6.79
CA ILE A 412 35.44 3.86 -6.77
C ILE A 412 33.92 3.71 -7.01
N SER A 413 33.55 2.82 -7.95
CA SER A 413 32.15 2.51 -8.30
C SER A 413 31.50 1.76 -7.14
N ASP A 414 30.25 2.14 -6.78
CA ASP A 414 29.49 1.54 -5.69
C ASP A 414 29.44 0.02 -5.78
N GLU A 415 29.49 -0.55 -6.99
CA GLU A 415 29.53 -2.00 -7.18
C GLU A 415 30.88 -2.57 -6.68
N ASP A 416 32.03 -1.96 -7.08
CA ASP A 416 33.40 -2.37 -6.71
C ASP A 416 33.66 -2.24 -5.20
N LEU A 417 33.24 -1.10 -4.62
CA LEU A 417 33.31 -0.79 -3.21
C LEU A 417 32.62 -1.86 -2.40
N ASN A 418 31.39 -2.26 -2.82
CA ASN A 418 30.59 -3.31 -2.17
C ASN A 418 31.20 -4.70 -2.36
N ASP A 419 32.11 -4.87 -3.34
CA ASP A 419 32.80 -6.14 -3.57
C ASP A 419 34.09 -6.20 -2.72
N ALA A 420 34.70 -5.01 -2.48
CA ALA A 420 35.92 -4.82 -1.69
C ALA A 420 35.62 -4.83 -0.18
N ILE A 421 34.56 -4.16 0.23
CA ILE A 421 34.16 -4.02 1.62
C ILE A 421 32.88 -4.80 1.90
N TYR A 422 32.78 -5.42 3.08
CA TYR A 422 31.52 -6.03 3.49
C TYR A 422 31.18 -5.52 4.87
N TYR A 423 30.12 -4.74 4.96
CA TYR A 423 29.68 -4.14 6.20
C TYR A 423 28.59 -4.99 6.85
N LEU A 424 28.85 -5.47 8.08
CA LEU A 424 27.88 -6.21 8.86
C LEU A 424 27.27 -5.18 9.81
N THR A 425 26.07 -4.70 9.40
CA THR A 425 25.24 -3.66 10.02
C THR A 425 24.86 -3.94 11.48
N GLN A 426 24.65 -2.82 12.23
CA GLN A 426 24.23 -2.83 13.64
C GLN A 426 22.89 -3.57 13.77
N ASP A 427 21.91 -3.27 12.88
CA ASP A 427 20.63 -3.99 12.87
C ASP A 427 20.63 -4.99 11.74
N ASP A 428 19.91 -6.10 11.93
CA ASP A 428 19.83 -7.16 10.94
C ASP A 428 18.76 -6.87 9.88
N TYR A 429 19.01 -7.31 8.63
CA TYR A 429 18.06 -7.15 7.51
C TYR A 429 17.80 -8.53 6.92
N ILE A 430 16.79 -9.20 7.48
CA ILE A 430 16.39 -10.54 7.05
C ILE A 430 15.16 -10.41 6.13
N PHE A 431 15.27 -10.99 4.94
CA PHE A 431 14.23 -10.98 3.94
C PHE A 431 13.18 -12.01 4.27
N MET A 432 11.90 -11.63 4.09
CA MET A 432 10.80 -12.57 4.29
C MET A 432 10.81 -13.50 3.09
N ASP A 433 11.53 -14.63 3.26
CA ASP A 433 11.74 -15.65 2.24
C ASP A 433 12.40 -16.86 2.88
N THR A 434 12.94 -17.76 2.05
CA THR A 434 13.66 -18.94 2.53
C THR A 434 15.02 -18.53 3.06
N LEU A 435 15.62 -19.37 3.92
CA LEU A 435 16.96 -19.13 4.43
C LEU A 435 17.90 -19.07 3.22
N ARG A 436 17.69 -19.97 2.24
CA ARG A 436 18.43 -20.04 0.99
C ARG A 436 18.47 -18.68 0.31
N PHE A 437 17.31 -18.00 0.23
CA PHE A 437 17.18 -16.69 -0.42
C PHE A 437 18.00 -15.64 0.33
N ASN A 438 17.92 -15.68 1.67
CA ASN A 438 18.66 -14.73 2.52
C ASN A 438 20.15 -14.86 2.36
N LEU A 439 20.63 -16.07 2.06
CA LEU A 439 22.05 -16.29 1.89
C LEU A 439 22.45 -16.04 0.42
N ARG A 440 21.55 -16.34 -0.54
CA ARG A 440 21.80 -16.10 -1.97
C ARG A 440 21.92 -14.61 -2.27
N LEU A 441 21.49 -13.77 -1.32
CA LEU A 441 21.60 -12.31 -1.39
C LEU A 441 23.08 -11.91 -1.54
N ALA A 442 23.95 -12.62 -0.79
CA ALA A 442 25.41 -12.44 -0.76
C ALA A 442 26.10 -12.90 -2.08
N ASN A 443 25.62 -14.03 -2.67
CA ASN A 443 26.12 -14.59 -3.93
C ASN A 443 25.03 -15.41 -4.63
N TYR A 444 24.54 -14.88 -5.79
CA TYR A 444 23.46 -15.46 -6.59
C TYR A 444 23.80 -16.86 -7.10
N ASP A 445 25.01 -17.02 -7.68
CA ASP A 445 25.50 -18.24 -8.34
C ASP A 445 25.89 -19.37 -7.38
N ALA A 446 25.80 -19.15 -6.04
CA ALA A 446 26.16 -20.14 -5.02
C ALA A 446 25.32 -21.41 -5.11
N SER A 447 25.98 -22.58 -5.09
CA SER A 447 25.37 -23.91 -5.14
C SER A 447 24.83 -24.30 -3.76
N GLU A 448 23.96 -25.32 -3.69
CA GLU A 448 23.38 -25.82 -2.45
C GLU A 448 24.42 -26.16 -1.37
N ASN A 449 25.60 -26.68 -1.78
CA ASN A 449 26.65 -27.07 -0.86
C ASN A 449 27.39 -25.86 -0.33
N GLU A 450 27.79 -24.90 -1.22
CA GLU A 450 28.48 -23.65 -0.83
C GLU A 450 27.74 -22.91 0.27
N ILE A 451 26.39 -22.97 0.19
CA ILE A 451 25.45 -22.33 1.10
C ILE A 451 25.38 -23.12 2.43
N PHE A 452 25.28 -24.47 2.41
CA PHE A 452 25.24 -25.26 3.64
C PHE A 452 26.59 -25.21 4.39
N LYS A 453 27.70 -25.17 3.64
CA LYS A 453 29.06 -25.07 4.19
C LYS A 453 29.14 -23.81 5.09
N VAL A 454 28.57 -22.71 4.59
CA VAL A 454 28.49 -21.39 5.20
C VAL A 454 27.63 -21.43 6.49
N LEU A 455 26.62 -22.32 6.57
CA LEU A 455 25.72 -22.46 7.74
C LEU A 455 26.48 -22.94 8.97
N LYS A 456 27.50 -23.80 8.75
CA LYS A 456 28.34 -24.34 9.79
C LYS A 456 29.21 -23.24 10.37
N LEU A 457 29.83 -22.43 9.49
CA LEU A 457 30.74 -21.34 9.89
C LEU A 457 29.98 -20.24 10.64
N ALA A 458 28.68 -20.18 10.42
CA ALA A 458 27.79 -19.21 11.04
C ALA A 458 27.21 -19.73 12.34
N ASN A 459 27.39 -21.04 12.62
CA ASN A 459 26.87 -21.79 13.78
C ASN A 459 25.36 -21.80 13.72
N LEU A 460 24.85 -22.08 12.52
CA LEU A 460 23.44 -22.14 12.19
C LEU A 460 23.05 -23.47 11.55
N SER A 461 24.00 -24.44 11.37
CA SER A 461 23.71 -25.73 10.72
C SER A 461 22.75 -26.65 11.56
N VAL A 462 22.60 -26.37 12.88
CA VAL A 462 21.69 -27.09 13.77
C VAL A 462 21.01 -26.10 14.74
N VAL A 463 19.69 -26.19 14.90
CA VAL A 463 18.87 -25.39 15.83
C VAL A 463 17.96 -26.36 16.62
N ASN A 464 18.06 -26.34 17.98
CA ASN A 464 17.28 -27.17 18.92
C ASN A 464 17.43 -28.68 18.61
N ASN A 465 18.70 -29.15 18.51
CA ASN A 465 19.11 -30.53 18.19
C ASN A 465 18.52 -31.02 16.83
N GLU A 466 18.03 -30.08 15.99
CA GLU A 466 17.43 -30.39 14.69
C GLU A 466 18.24 -29.76 13.55
N PRO A 467 18.49 -30.49 12.42
CA PRO A 467 19.30 -29.90 11.34
C PRO A 467 18.53 -28.80 10.64
N VAL A 468 19.21 -27.68 10.39
CA VAL A 468 18.60 -26.51 9.76
C VAL A 468 18.47 -26.73 8.27
N SER A 469 17.23 -26.59 7.75
CA SER A 469 16.89 -26.71 6.33
C SER A 469 17.05 -25.35 5.64
N LEU A 470 17.57 -25.36 4.42
CA LEU A 470 17.75 -24.14 3.65
C LEU A 470 16.41 -23.54 3.17
N ASP A 471 15.34 -24.36 3.27
CA ASP A 471 13.97 -24.05 2.88
C ASP A 471 13.14 -23.50 4.05
N THR A 472 13.80 -23.18 5.19
CA THR A 472 13.13 -22.62 6.37
C THR A 472 12.50 -21.28 5.99
N HIS A 473 11.17 -21.16 6.17
CA HIS A 473 10.50 -19.92 5.82
C HIS A 473 10.65 -18.91 6.94
N LEU A 474 11.20 -17.74 6.58
CA LEU A 474 11.45 -16.66 7.51
C LEU A 474 10.42 -15.56 7.39
N ILE A 475 9.66 -15.36 8.49
CA ILE A 475 8.61 -14.36 8.73
C ILE A 475 9.17 -12.92 8.55
N ASN A 476 8.25 -11.93 8.53
CA ASN A 476 8.56 -10.49 8.46
C ASN A 476 9.60 -10.14 9.55
N ARG A 477 10.70 -9.46 9.14
CA ARG A 477 11.83 -9.02 9.98
C ARG A 477 12.58 -10.21 10.64
N GLY A 478 12.38 -11.42 10.09
CA GLY A 478 12.96 -12.66 10.57
C GLY A 478 12.64 -13.03 12.00
N ASN A 479 11.52 -12.51 12.56
CA ASN A 479 11.06 -12.71 13.95
C ASN A 479 10.61 -14.15 14.25
N ASN A 480 10.81 -15.06 13.26
CA ASN A 480 10.63 -16.52 13.26
C ASN A 480 11.86 -17.17 13.98
N TYR A 481 12.94 -16.34 14.12
CA TYR A 481 14.23 -16.67 14.70
C TYR A 481 14.59 -15.79 15.89
N SER A 482 15.48 -16.32 16.77
CA SER A 482 16.03 -15.67 17.95
C SER A 482 17.03 -14.58 17.56
N GLY A 483 17.19 -13.57 18.42
CA GLY A 483 18.10 -12.44 18.23
C GLY A 483 19.45 -12.82 17.68
N GLY A 484 20.05 -13.83 18.30
CA GLY A 484 21.34 -14.42 17.93
C GLY A 484 21.30 -15.14 16.59
N GLN A 485 20.25 -15.96 16.37
CA GLN A 485 20.06 -16.67 15.10
C GLN A 485 19.91 -15.67 13.96
N LYS A 486 19.32 -14.47 14.23
CA LYS A 486 19.18 -13.42 13.22
C LYS A 486 20.56 -12.93 12.82
N GLN A 487 21.41 -12.61 13.84
CA GLN A 487 22.79 -12.16 13.67
C GLN A 487 23.64 -13.12 12.84
N ARG A 488 23.39 -14.43 13.06
CA ARG A 488 24.07 -15.53 12.39
C ARG A 488 23.70 -15.58 10.91
N ILE A 489 22.45 -15.19 10.50
CA ILE A 489 22.05 -15.15 9.09
C ILE A 489 22.94 -14.14 8.37
N SER A 490 23.01 -12.93 8.93
CA SER A 490 23.81 -11.85 8.39
C SER A 490 25.29 -12.24 8.35
N LEU A 491 25.76 -13.00 9.37
CA LEU A 491 27.14 -13.47 9.44
C LEU A 491 27.43 -14.54 8.37
N ALA A 492 26.49 -15.46 8.14
CA ALA A 492 26.60 -16.51 7.13
C ALA A 492 26.78 -15.90 5.74
N ARG A 493 26.15 -14.73 5.49
CA ARG A 493 26.25 -14.00 4.21
C ARG A 493 27.70 -13.63 3.89
N LEU A 494 28.45 -13.16 4.90
CA LEU A 494 29.84 -12.76 4.78
C LEU A 494 30.72 -13.88 4.20
N PHE A 495 30.45 -15.15 4.58
CA PHE A 495 31.24 -16.29 4.12
C PHE A 495 31.04 -16.63 2.62
N LEU A 496 29.95 -16.17 2.00
CA LEU A 496 29.72 -16.38 0.56
C LEU A 496 30.39 -15.25 -0.27
N ARG A 497 30.51 -14.08 0.35
CA ARG A 497 31.16 -12.90 -0.19
C ARG A 497 32.71 -13.11 -0.19
N LYS A 498 33.48 -12.24 -0.90
CA LYS A 498 34.95 -12.30 -0.94
C LYS A 498 35.54 -10.87 -0.76
N PRO A 499 35.47 -10.27 0.45
CA PRO A 499 35.97 -8.89 0.61
C PRO A 499 37.40 -8.75 1.14
N ALA A 500 37.95 -7.54 0.97
CA ALA A 500 39.26 -7.11 1.43
C ALA A 500 39.12 -6.52 2.80
N ILE A 501 38.06 -5.72 3.01
CA ILE A 501 37.77 -5.12 4.30
C ILE A 501 36.49 -5.81 4.85
N ILE A 502 36.47 -6.15 6.17
CA ILE A 502 35.30 -6.75 6.82
C ILE A 502 34.94 -5.91 8.05
N ILE A 503 33.81 -5.19 8.00
CA ILE A 503 33.38 -4.39 9.15
C ILE A 503 32.29 -5.15 9.94
N ILE A 504 32.49 -5.30 11.27
CA ILE A 504 31.54 -5.99 12.16
C ILE A 504 30.99 -4.95 13.18
N ASP A 505 29.93 -4.18 12.80
CA ASP A 505 29.37 -3.15 13.70
C ASP A 505 28.41 -3.78 14.69
N GLU A 506 28.89 -4.10 15.93
CA GLU A 506 28.14 -4.71 17.03
C GLU A 506 27.24 -5.88 16.52
N ALA A 507 27.72 -6.51 15.44
CA ALA A 507 27.08 -7.55 14.68
C ALA A 507 27.03 -8.93 15.43
N THR A 508 27.65 -9.02 16.64
CA THR A 508 27.70 -10.26 17.46
C THR A 508 27.15 -10.06 18.90
N SER A 509 26.56 -8.87 19.19
CA SER A 509 25.98 -8.48 20.50
C SER A 509 25.04 -9.52 21.10
N ALA A 510 24.18 -10.13 20.28
CA ALA A 510 23.19 -11.11 20.73
C ALA A 510 23.77 -12.52 20.93
N LEU A 511 25.09 -12.71 20.67
CA LEU A 511 25.76 -14.01 20.84
C LEU A 511 26.55 -14.10 22.15
N ASP A 512 26.61 -15.31 22.74
CA ASP A 512 27.41 -15.58 23.95
C ASP A 512 28.90 -15.67 23.57
N TYR A 513 29.82 -15.58 24.57
CA TYR A 513 31.28 -15.62 24.35
C TYR A 513 31.72 -16.76 23.41
N ILE A 514 31.24 -17.99 23.66
CA ILE A 514 31.61 -19.18 22.89
C ILE A 514 31.39 -18.94 21.38
N ASN A 515 30.14 -18.67 20.95
CA ASN A 515 29.79 -18.46 19.53
C ASN A 515 30.44 -17.20 18.95
N GLU A 516 30.42 -16.06 19.67
CA GLU A 516 31.05 -14.80 19.26
C GLU A 516 32.51 -15.06 18.84
N SER A 517 33.28 -15.73 19.73
CA SER A 517 34.68 -16.07 19.51
C SER A 517 34.84 -17.15 18.41
N GLU A 518 33.96 -18.16 18.41
CA GLU A 518 33.94 -19.26 17.45
C GLU A 518 33.66 -18.76 16.00
N ILE A 519 32.70 -17.84 15.79
CA ILE A 519 32.41 -17.35 14.43
C ILE A 519 33.54 -16.40 14.01
N LEU A 520 33.93 -15.49 14.90
CA LEU A 520 35.03 -14.55 14.66
C LEU A 520 36.34 -15.28 14.37
N SER A 521 36.48 -16.53 14.87
CA SER A 521 37.66 -17.35 14.58
C SER A 521 37.57 -17.83 13.12
N SER A 522 36.40 -18.39 12.69
CA SER A 522 36.17 -18.87 11.33
C SER A 522 36.17 -17.73 10.29
N ILE A 523 35.97 -16.47 10.72
CA ILE A 523 36.07 -15.31 9.82
C ILE A 523 37.55 -15.13 9.46
N ARG A 524 38.45 -15.00 10.50
CA ARG A 524 39.89 -14.83 10.32
C ARG A 524 40.55 -15.98 9.59
N THR A 525 40.06 -17.22 9.79
CA THR A 525 40.55 -18.42 9.13
C THR A 525 40.24 -18.33 7.62
N HIS A 526 38.95 -18.12 7.25
CA HIS A 526 38.48 -18.06 5.87
C HIS A 526 38.92 -16.78 5.14
N PHE A 527 39.13 -15.67 5.87
CA PHE A 527 39.58 -14.41 5.28
C PHE A 527 40.92 -14.01 5.98
N PRO A 528 42.04 -14.68 5.61
CA PRO A 528 43.31 -14.41 6.32
C PRO A 528 43.91 -13.03 6.06
N ASP A 529 43.82 -12.55 4.82
CA ASP A 529 44.40 -11.24 4.45
C ASP A 529 43.42 -10.09 4.66
N ALA A 530 42.20 -10.35 5.19
CA ALA A 530 41.18 -9.32 5.35
C ALA A 530 41.43 -8.36 6.49
N LEU A 531 41.39 -7.04 6.20
CA LEU A 531 41.46 -5.98 7.20
C LEU A 531 40.13 -6.02 7.95
N ILE A 532 40.14 -6.15 9.30
CA ILE A 532 38.86 -6.25 10.04
C ILE A 532 38.64 -5.08 10.98
N ILE A 533 37.58 -4.28 10.73
CA ILE A 533 37.23 -3.24 11.71
C ILE A 533 36.12 -3.85 12.59
N ASN A 534 36.29 -3.77 13.92
CA ASN A 534 35.32 -4.31 14.85
C ASN A 534 34.80 -3.23 15.81
N ILE A 535 33.48 -2.96 15.76
CA ILE A 535 32.89 -1.99 16.69
C ILE A 535 32.25 -2.80 17.82
N SER A 536 32.76 -2.62 19.05
CA SER A 536 32.27 -3.35 20.22
C SER A 536 32.43 -2.56 21.50
N HIS A 537 31.46 -2.73 22.41
CA HIS A 537 31.51 -2.15 23.72
C HIS A 537 32.14 -3.17 24.66
N ARG A 538 31.98 -4.48 24.35
CA ARG A 538 32.56 -5.64 25.06
C ARG A 538 34.10 -5.67 24.91
N ILE A 539 34.81 -6.39 25.80
CA ILE A 539 36.29 -6.45 25.76
C ILE A 539 36.86 -7.71 25.08
N ASN A 540 36.09 -8.80 24.97
CA ASN A 540 36.54 -10.06 24.36
C ASN A 540 36.88 -9.93 22.87
N LEU A 541 36.80 -8.71 22.30
CA LEU A 541 37.12 -8.40 20.91
C LEU A 541 38.22 -7.34 20.84
N LEU A 542 38.15 -6.39 21.78
CA LEU A 542 39.07 -5.25 21.97
C LEU A 542 40.45 -5.77 22.38
N GLU A 543 40.47 -6.84 23.19
CA GLU A 543 41.67 -7.53 23.67
C GLU A 543 42.27 -8.37 22.55
N CYS A 544 41.42 -8.86 21.64
CA CYS A 544 41.82 -9.71 20.50
C CYS A 544 42.43 -8.92 19.35
N SER A 545 42.08 -7.63 19.23
CA SER A 545 42.52 -6.76 18.13
C SER A 545 44.01 -6.39 18.19
N ASP A 546 44.61 -6.15 17.00
CA ASP A 546 45.98 -5.72 16.79
C ASP A 546 46.17 -4.26 17.22
N CYS A 547 45.08 -3.47 17.23
CA CYS A 547 45.08 -2.07 17.68
C CYS A 547 43.66 -1.65 18.03
N VAL A 548 43.51 -0.74 19.01
CA VAL A 548 42.22 -0.22 19.47
C VAL A 548 42.17 1.30 19.21
N TYR A 549 41.03 1.78 18.73
CA TYR A 549 40.80 3.18 18.45
C TYR A 549 39.59 3.63 19.28
N VAL A 550 39.74 4.71 20.05
CA VAL A 550 38.67 5.22 20.92
C VAL A 550 38.13 6.50 20.32
N LEU A 551 36.85 6.48 19.90
CA LEU A 551 36.17 7.62 19.33
C LEU A 551 35.34 8.30 20.40
N ASN A 552 35.52 9.62 20.56
CA ASN A 552 34.75 10.40 21.52
C ASN A 552 34.37 11.73 20.88
N GLU A 553 33.06 11.97 20.73
CA GLU A 553 32.41 13.15 20.17
C GLU A 553 33.03 13.55 18.82
N GLY A 554 33.14 12.57 17.94
CA GLY A 554 33.62 12.81 16.58
C GLY A 554 35.10 12.64 16.33
N ASN A 555 35.94 12.95 17.34
CA ASN A 555 37.39 12.83 17.18
C ASN A 555 37.92 11.56 17.84
N ILE A 556 38.94 10.98 17.21
CA ILE A 556 39.67 9.81 17.65
C ILE A 556 40.60 10.29 18.81
N VAL A 557 40.25 9.93 20.07
CA VAL A 557 40.94 10.40 21.28
C VAL A 557 42.07 9.47 21.78
N ALA A 558 42.13 8.19 21.33
CA ALA A 558 43.17 7.26 21.80
C ALA A 558 43.43 6.12 20.82
N SER A 559 44.69 5.69 20.72
CA SER A 559 45.08 4.61 19.83
C SER A 559 46.03 3.62 20.54
N GLY A 560 46.45 2.57 19.84
CA GLY A 560 47.40 1.59 20.38
C GLY A 560 46.76 0.33 20.91
N HIS A 561 47.59 -0.52 21.56
CA HIS A 561 47.16 -1.80 22.14
C HIS A 561 46.19 -1.57 23.30
N PHE A 562 45.29 -2.53 23.52
CA PHE A 562 44.26 -2.45 24.55
C PHE A 562 44.89 -2.32 25.95
N ARG A 563 45.91 -3.14 26.25
CA ARG A 563 46.62 -3.18 27.54
C ARG A 563 47.32 -1.85 27.86
N ASP A 564 47.90 -1.20 26.84
CA ASP A 564 48.55 0.10 26.92
C ASP A 564 47.55 1.24 27.06
N LEU A 565 46.25 0.96 26.86
CA LEU A 565 45.18 1.94 26.92
C LEU A 565 44.38 1.87 28.21
N MET A 566 44.34 0.69 28.88
CA MET A 566 43.62 0.51 30.14
C MET A 566 44.47 0.98 31.34
N VAL A 567 45.57 1.69 31.03
CA VAL A 567 46.54 2.31 31.92
C VAL A 567 46.44 3.83 31.68
N SER A 568 46.62 4.24 30.40
CA SER A 568 46.60 5.61 29.88
C SER A 568 45.21 6.24 29.98
N ASN A 569 44.23 5.68 29.22
CA ASN A 569 42.85 6.15 29.12
C ASN A 569 42.00 5.62 30.26
N GLU A 570 41.21 6.53 30.89
CA GLU A 570 40.30 6.22 32.00
C GLU A 570 39.12 5.38 31.51
N TYR A 571 38.58 5.70 30.29
CA TYR A 571 37.47 4.99 29.65
C TYR A 571 37.82 3.52 29.44
N ILE A 572 39.03 3.24 28.91
CA ILE A 572 39.47 1.87 28.67
C ILE A 572 39.84 1.19 30.00
N SER A 573 40.29 1.98 31.01
CA SER A 573 40.62 1.48 32.34
C SER A 573 39.34 0.98 33.04
N GLY A 574 38.32 1.85 33.04
CA GLY A 574 37.00 1.61 33.62
C GLY A 574 36.26 0.46 32.98
N LEU A 575 36.39 0.32 31.64
CA LEU A 575 35.75 -0.74 30.86
C LEU A 575 36.34 -2.11 31.23
N ALA A 576 37.68 -2.19 31.38
CA ALA A 576 38.37 -3.41 31.73
C ALA A 576 38.09 -3.83 33.17
N SER A 577 37.87 -2.85 34.09
CA SER A 577 37.57 -3.07 35.50
C SER A 577 36.25 -3.85 35.70
N VAL A 578 35.47 -4.04 34.61
CA VAL A 578 34.23 -4.80 34.57
C VAL A 578 34.62 -6.30 34.39
N THR A 579 35.44 -6.81 35.35
CA THR A 579 35.97 -8.19 35.44
C THR A 579 36.06 -8.60 36.92
N LYS B 4 -25.78 -16.28 6.99
CA LYS B 4 -25.44 -15.67 8.28
C LYS B 4 -24.41 -14.53 8.12
N GLN B 5 -23.31 -14.80 7.38
CA GLN B 5 -22.22 -13.86 7.12
C GLN B 5 -22.66 -12.81 6.08
N LYS B 6 -23.69 -13.12 5.27
CA LYS B 6 -24.27 -12.25 4.24
C LYS B 6 -24.90 -11.00 4.91
N ASN B 7 -25.65 -11.22 6.01
CA ASN B 7 -26.33 -10.20 6.83
C ASN B 7 -25.34 -9.29 7.55
N SER B 8 -24.25 -9.90 8.08
CA SER B 8 -23.19 -9.22 8.83
C SER B 8 -22.42 -8.25 7.92
N LEU B 9 -22.20 -8.66 6.65
CA LEU B 9 -21.50 -7.89 5.61
C LEU B 9 -22.17 -6.55 5.36
N PHE B 10 -23.48 -6.56 5.01
CA PHE B 10 -24.26 -5.37 4.69
C PHE B 10 -24.50 -4.51 5.91
N ASN B 11 -24.56 -5.12 7.09
CA ASN B 11 -24.73 -4.38 8.33
C ASN B 11 -23.43 -3.60 8.64
N TYR B 12 -22.26 -4.22 8.33
CA TYR B 12 -20.94 -3.61 8.49
C TYR B 12 -20.80 -2.40 7.57
N ILE B 13 -21.30 -2.50 6.31
CA ILE B 13 -21.22 -1.40 5.35
C ILE B 13 -22.15 -0.27 5.81
N TYR B 14 -23.38 -0.62 6.25
CA TYR B 14 -24.34 0.35 6.73
C TYR B 14 -23.82 1.12 7.94
N SER B 15 -23.16 0.42 8.89
CA SER B 15 -22.59 0.99 10.11
C SER B 15 -21.50 2.07 9.84
N LEU B 16 -20.80 1.97 8.68
CA LEU B 16 -19.77 2.92 8.25
C LEU B 16 -20.38 4.27 7.80
N MET B 17 -21.72 4.30 7.62
CA MET B 17 -22.45 5.50 7.20
C MET B 17 -23.03 6.24 8.41
N ASP B 18 -22.61 7.50 8.62
CA ASP B 18 -23.18 8.34 9.67
C ASP B 18 -24.53 8.90 9.15
N VAL B 19 -25.10 9.96 9.76
CA VAL B 19 -26.39 10.48 9.26
C VAL B 19 -26.22 11.04 7.86
N ARG B 20 -25.16 11.84 7.60
CA ARG B 20 -24.89 12.40 6.27
C ARG B 20 -24.69 11.28 5.25
N GLY B 21 -24.04 10.21 5.70
CA GLY B 21 -23.78 9.04 4.89
C GLY B 21 -25.03 8.31 4.47
N LYS B 22 -26.02 8.20 5.38
CA LYS B 22 -27.27 7.51 5.08
C LYS B 22 -28.13 8.34 4.10
N PHE B 23 -28.14 9.68 4.23
CA PHE B 23 -28.87 10.57 3.33
C PHE B 23 -28.30 10.46 1.92
N LEU B 24 -26.95 10.67 1.78
CA LEU B 24 -26.23 10.56 0.50
C LEU B 24 -26.49 9.21 -0.18
N PHE B 25 -26.54 8.12 0.59
CA PHE B 25 -26.85 6.80 0.05
C PHE B 25 -28.29 6.71 -0.45
N PHE B 26 -29.27 7.24 0.33
CA PHE B 26 -30.69 7.18 -0.08
C PHE B 26 -30.98 8.16 -1.22
N SER B 27 -30.30 9.33 -1.24
CA SER B 27 -30.40 10.30 -2.34
C SER B 27 -29.94 9.64 -3.64
N MET B 28 -28.83 8.89 -3.57
CA MET B 28 -28.28 8.13 -4.69
C MET B 28 -29.28 7.11 -5.21
N LEU B 29 -29.99 6.41 -4.29
CA LEU B 29 -31.00 5.41 -4.64
C LEU B 29 -32.24 6.06 -5.27
N PHE B 30 -32.71 7.16 -4.67
CA PHE B 30 -33.88 7.90 -5.11
C PHE B 30 -33.69 8.44 -6.53
N ILE B 31 -32.66 9.30 -6.74
CA ILE B 31 -32.33 9.94 -8.01
C ILE B 31 -32.16 8.88 -9.13
N THR B 32 -31.51 7.73 -8.84
CA THR B 32 -31.36 6.66 -9.83
C THR B 32 -32.72 6.04 -10.20
N SER B 33 -33.63 5.93 -9.21
CA SER B 33 -34.97 5.37 -9.37
C SER B 33 -35.90 6.34 -10.13
N LEU B 34 -35.89 7.63 -9.76
CA LEU B 34 -36.70 8.67 -10.38
C LEU B 34 -36.37 8.80 -11.85
N SER B 35 -35.08 8.86 -12.20
CA SER B 35 -34.63 9.00 -13.58
C SER B 35 -34.99 7.80 -14.46
N SER B 36 -35.08 6.58 -13.87
CA SER B 36 -35.44 5.41 -14.66
C SER B 36 -36.93 5.41 -14.96
N ILE B 37 -37.76 6.06 -14.10
CA ILE B 37 -39.20 6.25 -14.33
C ILE B 37 -39.36 7.20 -15.55
N ILE B 38 -38.76 8.38 -15.43
CA ILE B 38 -38.78 9.41 -16.44
C ILE B 38 -38.27 8.84 -17.79
N ILE B 39 -37.07 8.28 -17.85
CA ILE B 39 -36.56 7.78 -19.11
C ILE B 39 -37.38 6.57 -19.68
N SER B 40 -38.24 5.89 -18.88
CA SER B 40 -39.02 4.79 -19.45
C SER B 40 -40.28 5.32 -20.22
N ILE B 41 -40.58 6.62 -20.05
CA ILE B 41 -41.67 7.36 -20.67
C ILE B 41 -41.28 7.70 -22.11
N SER B 42 -40.04 8.21 -22.30
CA SER B 42 -39.46 8.70 -23.56
C SER B 42 -39.71 7.80 -24.84
N PRO B 43 -39.69 6.42 -24.85
CA PRO B 43 -39.98 5.71 -26.11
C PRO B 43 -41.44 5.86 -26.57
N LEU B 44 -42.33 6.23 -25.63
CA LEU B 44 -43.73 6.47 -25.99
C LEU B 44 -43.82 7.83 -26.66
N ILE B 45 -43.19 8.85 -26.06
CA ILE B 45 -43.14 10.21 -26.59
C ILE B 45 -42.66 10.17 -28.04
N LEU B 46 -41.58 9.43 -28.29
CA LEU B 46 -41.01 9.25 -29.62
C LEU B 46 -42.03 8.62 -30.58
N ALA B 47 -42.74 7.57 -30.14
CA ALA B 47 -43.77 6.91 -30.93
C ALA B 47 -44.93 7.85 -31.24
N LYS B 48 -45.35 8.66 -30.23
CA LYS B 48 -46.41 9.67 -30.34
C LYS B 48 -46.00 10.74 -31.35
N ILE B 49 -44.69 11.14 -31.36
CA ILE B 49 -44.17 12.10 -32.34
C ILE B 49 -44.26 11.45 -33.73
N THR B 50 -43.78 10.20 -33.86
CA THR B 50 -43.78 9.47 -35.13
C THR B 50 -45.17 9.36 -35.77
N ASP B 51 -46.22 8.89 -35.06
CA ASP B 51 -47.55 8.74 -35.67
C ASP B 51 -48.16 10.09 -36.08
N LEU B 52 -48.02 11.12 -35.20
CA LEU B 52 -48.52 12.47 -35.45
C LEU B 52 -48.06 13.01 -36.80
N LEU B 53 -46.81 12.68 -37.19
CA LEU B 53 -46.23 13.08 -38.45
C LEU B 53 -46.56 12.13 -39.56
N SER B 54 -46.48 10.80 -39.29
CA SER B 54 -46.72 9.72 -40.27
C SER B 54 -48.14 9.75 -40.81
N GLY B 55 -48.23 9.85 -42.13
CA GLY B 55 -49.52 9.83 -42.80
C GLY B 55 -50.00 11.20 -43.21
N SER B 56 -50.22 12.08 -42.21
CA SER B 56 -50.62 13.48 -42.43
C SER B 56 -49.59 14.14 -43.32
N LEU B 57 -50.05 14.98 -44.22
CA LEU B 57 -49.11 15.59 -45.12
C LEU B 57 -48.95 17.02 -44.65
N SER B 58 -48.23 17.16 -43.52
CA SER B 58 -47.94 18.38 -42.77
C SER B 58 -49.25 18.90 -42.11
N ASN B 59 -50.28 18.03 -41.99
CA ASN B 59 -51.58 18.37 -41.42
C ASN B 59 -51.77 17.81 -39.98
N PHE B 60 -51.16 18.49 -38.98
CA PHE B 60 -51.21 18.09 -37.56
C PHE B 60 -51.00 19.30 -36.65
N SER B 61 -51.24 19.11 -35.34
CA SER B 61 -51.07 20.19 -34.39
C SER B 61 -49.57 20.42 -34.17
N TYR B 62 -49.03 21.52 -34.75
CA TYR B 62 -47.62 21.90 -34.61
C TYR B 62 -47.28 22.25 -33.15
N GLU B 63 -48.30 22.69 -32.39
CA GLU B 63 -48.23 23.02 -30.97
C GLU B 63 -48.08 21.72 -30.15
N TYR B 64 -48.72 20.62 -30.60
CA TYR B 64 -48.63 19.32 -29.93
C TYR B 64 -47.28 18.65 -30.18
N LEU B 65 -46.69 18.87 -31.38
CA LEU B 65 -45.38 18.32 -31.73
C LEU B 65 -44.35 18.98 -30.84
N VAL B 66 -44.47 20.30 -30.65
CA VAL B 66 -43.58 21.09 -29.79
C VAL B 66 -43.70 20.58 -28.33
N LEU B 67 -44.93 20.37 -27.83
CA LEU B 67 -45.13 19.82 -26.49
C LEU B 67 -44.52 18.44 -26.36
N LEU B 68 -44.65 17.60 -27.40
CA LEU B 68 -44.07 16.25 -27.41
C LEU B 68 -42.54 16.33 -27.43
N ALA B 69 -41.96 17.16 -28.33
CA ALA B 69 -40.52 17.36 -28.45
C ALA B 69 -39.92 17.93 -27.16
N CYS B 70 -40.65 18.82 -26.47
CA CYS B 70 -40.20 19.38 -25.21
C CYS B 70 -40.20 18.33 -24.11
N LEU B 71 -41.21 17.44 -24.07
CA LEU B 71 -41.26 16.37 -23.08
C LEU B 71 -40.11 15.39 -23.27
N TYR B 72 -39.78 15.04 -24.55
CA TYR B 72 -38.65 14.15 -24.84
C TYR B 72 -37.35 14.77 -24.39
N MET B 73 -37.21 16.10 -24.57
CA MET B 73 -36.04 16.84 -24.14
C MET B 73 -35.92 16.83 -22.62
N PHE B 74 -37.04 17.06 -21.91
CA PHE B 74 -37.07 17.03 -20.46
C PHE B 74 -36.56 15.68 -19.97
N CYS B 75 -37.02 14.58 -20.62
CA CYS B 75 -36.58 13.23 -20.29
C CYS B 75 -35.04 13.12 -20.38
N VAL B 76 -34.50 13.45 -21.57
CA VAL B 76 -33.08 13.39 -21.85
C VAL B 76 -32.27 14.30 -20.87
N ILE B 77 -32.74 15.56 -20.61
CA ILE B 77 -32.06 16.48 -19.69
C ILE B 77 -32.08 15.92 -18.27
N SER B 78 -33.29 15.57 -17.76
CA SER B 78 -33.42 15.05 -16.39
C SER B 78 -32.60 13.77 -16.17
N ASN B 79 -32.53 12.87 -17.19
CA ASN B 79 -31.72 11.66 -17.11
C ASN B 79 -30.24 12.00 -16.99
N LYS B 80 -29.73 13.00 -17.76
CA LYS B 80 -28.31 13.37 -17.63
C LYS B 80 -28.04 14.13 -16.34
N ALA B 81 -28.97 15.01 -15.91
CA ALA B 81 -28.82 15.72 -14.64
C ALA B 81 -28.66 14.70 -13.51
N SER B 82 -29.49 13.63 -13.55
CA SER B 82 -29.47 12.51 -12.62
C SER B 82 -28.09 11.79 -12.57
N VAL B 83 -27.49 11.50 -13.75
CA VAL B 83 -26.17 10.88 -13.84
C VAL B 83 -25.12 11.75 -13.13
N PHE B 84 -25.06 13.07 -13.47
CA PHE B 84 -24.14 14.02 -12.84
C PHE B 84 -24.40 14.12 -11.33
N LEU B 85 -25.67 14.21 -10.91
CA LEU B 85 -26.02 14.28 -9.51
C LEU B 85 -25.62 13.02 -8.75
N PHE B 86 -25.79 11.84 -9.39
CA PHE B 86 -25.41 10.58 -8.75
C PHE B 86 -23.91 10.54 -8.52
N MET B 87 -23.07 10.91 -9.51
CA MET B 87 -21.62 10.82 -9.34
C MET B 87 -21.12 11.84 -8.31
N ILE B 88 -21.79 13.03 -8.20
CA ILE B 88 -21.48 14.04 -7.16
C ILE B 88 -21.78 13.42 -5.77
N LEU B 89 -22.95 12.78 -5.60
CA LEU B 89 -23.33 12.15 -4.33
C LEU B 89 -22.41 10.97 -4.01
N GLN B 90 -22.02 10.19 -5.04
CA GLN B 90 -21.16 9.03 -4.92
C GLN B 90 -19.80 9.41 -4.28
N SER B 91 -19.09 10.40 -4.88
CA SER B 91 -17.81 10.86 -4.36
C SER B 91 -17.96 11.43 -2.94
N SER B 92 -19.05 12.18 -2.67
CA SER B 92 -19.32 12.72 -1.33
C SER B 92 -19.44 11.59 -0.32
N LEU B 93 -20.14 10.49 -0.68
CA LEU B 93 -20.32 9.31 0.18
C LEU B 93 -19.01 8.51 0.33
N ARG B 94 -18.16 8.46 -0.74
CA ARG B 94 -16.87 7.78 -0.65
C ARG B 94 -16.05 8.46 0.45
N ILE B 95 -15.87 9.80 0.34
CA ILE B 95 -15.16 10.67 1.28
C ILE B 95 -15.68 10.43 2.71
N ASN B 96 -17.01 10.46 2.87
CA ASN B 96 -17.72 10.28 4.12
C ASN B 96 -17.37 8.93 4.75
N MET B 97 -17.60 7.83 4.04
CA MET B 97 -17.38 6.49 4.57
C MET B 97 -15.89 6.14 4.78
N GLN B 98 -14.97 6.77 4.01
CA GLN B 98 -13.52 6.54 4.00
C GLN B 98 -12.86 6.57 5.41
N LYS B 99 -12.92 7.72 6.12
CA LYS B 99 -12.31 7.90 7.45
C LYS B 99 -12.77 6.83 8.43
N LYS B 100 -14.08 6.69 8.63
CA LYS B 100 -14.70 5.70 9.53
C LYS B 100 -14.20 4.28 9.25
N MET B 101 -14.06 3.89 7.96
CA MET B 101 -13.58 2.60 7.50
C MET B 101 -12.13 2.37 7.94
N SER B 102 -11.26 3.35 7.64
CA SER B 102 -9.82 3.31 7.93
C SER B 102 -9.51 3.20 9.44
N LEU B 103 -10.19 4.00 10.31
CA LEU B 103 -9.99 3.94 11.75
C LEU B 103 -10.42 2.60 12.29
N LYS B 104 -11.60 2.11 11.88
CA LYS B 104 -12.10 0.80 12.29
C LYS B 104 -11.06 -0.28 12.01
N TYR B 105 -10.29 -0.15 10.89
CA TYR B 105 -9.24 -1.09 10.50
C TYR B 105 -8.09 -1.04 11.49
N LEU B 106 -7.56 0.18 11.77
CA LEU B 106 -6.45 0.39 12.71
C LEU B 106 -6.81 -0.14 14.10
N ARG B 107 -8.02 0.21 14.57
CA ARG B 107 -8.56 -0.23 15.86
C ARG B 107 -8.77 -1.74 15.84
N GLU B 108 -9.15 -2.32 14.66
CA GLU B 108 -9.31 -3.76 14.52
C GLU B 108 -7.97 -4.45 14.57
N LEU B 109 -6.92 -3.78 14.02
CA LEU B 109 -5.56 -4.32 13.99
C LEU B 109 -4.93 -4.32 15.40
N TYR B 110 -5.24 -3.29 16.21
CA TYR B 110 -4.76 -3.14 17.58
C TYR B 110 -5.28 -4.25 18.47
N ASN B 111 -6.53 -4.69 18.26
CA ASN B 111 -7.16 -5.74 19.06
C ASN B 111 -6.78 -7.15 18.61
N GLU B 112 -5.99 -7.26 17.53
CA GLU B 112 -5.52 -8.56 17.05
C GLU B 112 -4.37 -9.10 17.94
N ASN B 113 -4.19 -10.41 17.92
CA ASN B 113 -3.12 -11.08 18.66
C ASN B 113 -1.79 -10.97 17.88
N ILE B 114 -0.64 -10.88 18.61
CA ILE B 114 0.73 -10.74 18.10
C ILE B 114 1.05 -11.83 17.05
N THR B 115 0.59 -13.08 17.29
CA THR B 115 0.80 -14.22 16.39
C THR B 115 0.19 -13.99 15.02
N ASN B 116 -1.03 -13.41 14.99
CA ASN B 116 -1.77 -13.10 13.77
C ASN B 116 -1.23 -11.85 13.08
N LEU B 117 -0.77 -10.87 13.87
CA LEU B 117 -0.20 -9.63 13.35
C LEU B 117 1.11 -9.91 12.60
N SER B 118 1.93 -10.80 13.16
CA SER B 118 3.25 -11.18 12.63
C SER B 118 3.17 -11.93 11.29
N LYS B 119 2.00 -12.54 11.00
CA LYS B 119 1.68 -13.32 9.80
C LYS B 119 1.94 -12.58 8.46
N ASN B 120 1.65 -11.26 8.39
CA ASN B 120 1.80 -10.46 7.16
C ASN B 120 2.45 -9.09 7.44
N ASN B 121 3.07 -8.46 6.42
CA ASN B 121 3.71 -7.14 6.62
C ASN B 121 2.77 -5.94 6.44
N ALA B 122 3.34 -4.70 6.49
CA ALA B 122 2.64 -3.42 6.28
C ALA B 122 2.16 -3.30 4.85
N GLY B 123 3.01 -3.66 3.88
CA GLY B 123 2.66 -3.61 2.46
C GLY B 123 1.35 -4.33 2.19
N TYR B 124 1.22 -5.54 2.76
CA TYR B 124 0.05 -6.38 2.70
C TYR B 124 -1.11 -5.72 3.42
N THR B 125 -1.00 -5.39 4.73
CA THR B 125 -2.14 -4.78 5.45
C THR B 125 -2.60 -3.44 4.82
N THR B 126 -1.66 -2.62 4.27
CA THR B 126 -1.96 -1.36 3.59
C THR B 126 -2.82 -1.63 2.34
N GLN B 127 -2.40 -2.60 1.47
CA GLN B 127 -3.14 -2.93 0.26
C GLN B 127 -4.39 -3.74 0.57
N SER B 128 -4.47 -4.37 1.74
CA SER B 128 -5.67 -5.08 2.15
C SER B 128 -6.80 -4.09 2.40
N LEU B 129 -6.49 -2.93 3.02
CA LEU B 129 -7.45 -1.86 3.27
C LEU B 129 -7.94 -1.32 1.97
N ASN B 130 -6.99 -1.12 1.01
CA ASN B 130 -7.24 -0.62 -0.33
C ASN B 130 -8.31 -1.42 -1.04
N GLN B 131 -8.11 -2.75 -1.11
CA GLN B 131 -9.00 -3.71 -1.74
C GLN B 131 -10.38 -3.67 -1.09
N ALA B 132 -10.41 -3.74 0.26
CA ALA B 132 -11.65 -3.72 1.04
C ALA B 132 -12.42 -2.44 0.83
N SER B 133 -11.74 -1.28 0.86
CA SER B 133 -12.40 0.01 0.66
C SER B 133 -13.13 0.06 -0.71
N ASN B 134 -12.39 -0.35 -1.75
CA ASN B 134 -12.88 -0.44 -3.12
C ASN B 134 -14.04 -1.47 -3.20
N ASP B 135 -13.90 -2.62 -2.50
CA ASP B 135 -14.96 -3.62 -2.47
C ASP B 135 -16.24 -3.05 -1.91
N ILE B 136 -16.15 -2.25 -0.80
CA ILE B 136 -17.30 -1.57 -0.21
C ILE B 136 -17.90 -0.62 -1.27
N TYR B 137 -17.05 0.28 -1.83
CA TYR B 137 -17.45 1.25 -2.87
C TYR B 137 -18.36 0.60 -3.93
N ILE B 138 -17.84 -0.47 -4.58
CA ILE B 138 -18.54 -1.28 -5.59
C ILE B 138 -19.91 -1.70 -5.06
N LEU B 139 -19.95 -2.32 -3.85
CA LEU B 139 -21.20 -2.79 -3.26
C LEU B 139 -22.18 -1.65 -3.02
N VAL B 140 -21.71 -0.52 -2.42
CA VAL B 140 -22.52 0.69 -2.21
C VAL B 140 -23.13 1.13 -3.54
N ARG B 141 -22.31 1.20 -4.62
CA ARG B 141 -22.76 1.60 -5.96
C ARG B 141 -23.81 0.64 -6.51
N ASN B 142 -23.49 -0.67 -6.63
CA ASN B 142 -24.39 -1.71 -7.16
C ASN B 142 -25.75 -1.72 -6.47
N VAL B 143 -25.78 -1.48 -5.16
CA VAL B 143 -27.04 -1.41 -4.42
C VAL B 143 -27.78 -0.10 -4.75
N SER B 144 -27.10 1.06 -4.62
CA SER B 144 -27.72 2.36 -4.84
C SER B 144 -28.09 2.65 -6.29
N GLN B 145 -27.55 1.89 -7.25
CA GLN B 145 -27.79 2.21 -8.64
C GLN B 145 -28.38 1.06 -9.48
N ASN B 146 -27.95 -0.18 -9.27
CA ASN B 146 -28.39 -1.24 -10.18
C ASN B 146 -29.47 -2.19 -9.64
N ILE B 147 -30.27 -1.76 -8.65
CA ILE B 147 -31.32 -2.63 -8.12
C ILE B 147 -32.67 -2.12 -8.65
N LEU B 148 -33.15 -0.99 -8.12
CA LEU B 148 -34.45 -0.45 -8.49
C LEU B 148 -34.49 0.01 -9.95
N SER B 149 -33.57 0.91 -10.36
CA SER B 149 -33.52 1.49 -11.69
C SER B 149 -33.66 0.43 -12.82
N PRO B 150 -32.86 -0.67 -12.91
CA PRO B 150 -33.06 -1.61 -14.04
C PRO B 150 -34.37 -2.39 -13.96
N VAL B 151 -34.86 -2.67 -12.73
CA VAL B 151 -36.13 -3.33 -12.52
C VAL B 151 -37.25 -2.42 -13.09
N ILE B 152 -37.31 -1.13 -12.68
CA ILE B 152 -38.29 -0.15 -13.17
C ILE B 152 -38.29 -0.14 -14.73
N GLN B 153 -37.10 0.06 -15.34
CA GLN B 153 -36.96 0.12 -16.79
C GLN B 153 -37.29 -1.21 -17.47
N LEU B 154 -37.04 -2.37 -16.83
CA LEU B 154 -37.39 -3.64 -17.45
C LEU B 154 -38.87 -3.96 -17.31
N ILE B 155 -39.48 -3.62 -16.16
CA ILE B 155 -40.90 -3.86 -15.91
C ILE B 155 -41.73 -3.02 -16.91
N SER B 156 -41.57 -1.68 -16.87
CA SER B 156 -42.29 -0.73 -17.75
C SER B 156 -42.18 -1.12 -19.22
N THR B 157 -40.97 -1.55 -19.67
CA THR B 157 -40.75 -1.98 -21.05
C THR B 157 -41.64 -3.17 -21.40
N ILE B 158 -41.66 -4.24 -20.59
CA ILE B 158 -42.52 -5.38 -20.91
C ILE B 158 -44.01 -4.98 -20.74
N VAL B 159 -44.38 -4.24 -19.66
CA VAL B 159 -45.76 -3.77 -19.42
C VAL B 159 -46.28 -3.01 -20.66
N VAL B 160 -45.54 -1.97 -21.13
CA VAL B 160 -45.92 -1.13 -22.27
C VAL B 160 -45.98 -1.94 -23.58
N VAL B 161 -44.95 -2.74 -23.90
CA VAL B 161 -44.97 -3.55 -25.13
C VAL B 161 -46.10 -4.60 -25.06
N LEU B 162 -46.41 -5.10 -23.86
CA LEU B 162 -47.53 -6.01 -23.65
C LEU B 162 -48.86 -5.26 -23.89
N SER B 163 -48.97 -3.97 -23.43
CA SER B 163 -50.15 -3.10 -23.59
C SER B 163 -50.49 -2.88 -25.07
N THR B 164 -49.49 -2.62 -25.92
CA THR B 164 -49.70 -2.44 -27.37
C THR B 164 -49.99 -3.80 -28.06
N LYS B 165 -50.23 -4.84 -27.25
CA LYS B 165 -50.58 -6.22 -27.62
C LYS B 165 -49.59 -6.84 -28.64
N ASP B 166 -48.31 -6.41 -28.59
CA ASP B 166 -47.25 -7.03 -29.41
C ASP B 166 -46.73 -8.18 -28.58
N TRP B 167 -47.09 -9.41 -28.95
CA TRP B 167 -46.69 -10.56 -28.16
C TRP B 167 -45.30 -11.01 -28.54
N PHE B 168 -44.94 -11.07 -29.84
CA PHE B 168 -43.60 -11.51 -30.26
C PHE B 168 -42.50 -10.61 -29.68
N SER B 169 -42.68 -9.26 -29.71
CA SER B 169 -41.70 -8.33 -29.16
C SER B 169 -41.56 -8.53 -27.66
N ALA B 170 -42.64 -8.29 -26.87
CA ALA B 170 -42.65 -8.44 -25.41
C ALA B 170 -42.23 -9.86 -24.98
N GLY B 171 -42.49 -10.82 -25.86
CA GLY B 171 -42.16 -12.22 -25.67
C GLY B 171 -40.66 -12.41 -25.69
N VAL B 172 -40.03 -12.07 -26.86
CA VAL B 172 -38.57 -12.17 -27.07
C VAL B 172 -37.83 -11.24 -26.08
N PHE B 173 -38.41 -10.07 -25.74
CA PHE B 173 -37.84 -9.16 -24.74
C PHE B 173 -37.71 -9.89 -23.39
N PHE B 174 -38.84 -10.45 -22.89
CA PHE B 174 -38.88 -11.21 -21.64
C PHE B 174 -38.03 -12.47 -21.74
N LEU B 175 -37.94 -13.08 -22.94
CA LEU B 175 -37.10 -14.25 -23.14
C LEU B 175 -35.65 -13.88 -22.90
N TYR B 176 -35.20 -12.72 -23.43
CA TYR B 176 -33.83 -12.24 -23.24
C TYR B 176 -33.48 -12.06 -21.75
N ILE B 177 -34.28 -11.27 -20.97
CA ILE B 177 -34.00 -11.07 -19.55
C ILE B 177 -33.94 -12.42 -18.83
N LEU B 178 -34.80 -13.39 -19.21
CA LEU B 178 -34.82 -14.73 -18.63
C LEU B 178 -33.51 -15.48 -18.95
N VAL B 179 -33.15 -15.62 -20.26
CA VAL B 179 -31.92 -16.33 -20.67
C VAL B 179 -30.70 -15.63 -20.06
N PHE B 180 -30.69 -14.28 -20.04
CA PHE B 180 -29.60 -13.47 -19.50
C PHE B 180 -29.36 -13.77 -18.01
N VAL B 181 -30.36 -13.50 -17.14
CA VAL B 181 -30.26 -13.71 -15.69
C VAL B 181 -29.83 -15.15 -15.38
N ILE B 182 -30.31 -16.15 -16.15
CA ILE B 182 -29.93 -17.55 -15.96
C ILE B 182 -28.42 -17.71 -16.31
N PHE B 183 -28.04 -17.51 -17.60
CA PHE B 183 -26.68 -17.67 -18.11
C PHE B 183 -25.61 -17.03 -17.24
N ASN B 184 -25.86 -15.78 -16.83
CA ASN B 184 -24.90 -15.00 -16.05
C ASN B 184 -24.73 -15.54 -14.65
N THR B 185 -25.84 -15.81 -13.91
CA THR B 185 -25.74 -16.36 -12.54
C THR B 185 -25.01 -17.72 -12.57
N ARG B 186 -25.19 -18.48 -13.68
CA ARG B 186 -24.54 -19.77 -13.89
C ARG B 186 -23.04 -19.60 -14.23
N LEU B 187 -22.53 -18.36 -14.24
CA LEU B 187 -21.12 -18.05 -14.51
C LEU B 187 -20.57 -16.93 -13.59
N THR B 188 -21.39 -16.41 -12.65
CA THR B 188 -20.99 -15.32 -11.76
C THR B 188 -19.92 -15.83 -10.74
N GLY B 189 -20.19 -16.95 -10.05
CA GLY B 189 -19.26 -17.53 -9.07
C GLY B 189 -17.90 -17.86 -9.65
N SER B 190 -17.91 -18.40 -10.88
CA SER B 190 -16.71 -18.76 -11.63
C SER B 190 -15.81 -17.52 -11.86
N LEU B 191 -16.43 -16.33 -12.01
CA LEU B 191 -15.69 -15.07 -12.16
C LEU B 191 -15.16 -14.62 -10.81
N ALA B 192 -16.03 -14.63 -9.77
CA ALA B 192 -15.68 -14.18 -8.42
C ALA B 192 -14.44 -14.92 -7.85
N SER B 193 -14.39 -16.26 -8.06
CA SER B 193 -13.29 -17.14 -7.65
C SER B 193 -11.99 -16.73 -8.38
N LEU B 194 -12.08 -16.53 -9.70
CA LEU B 194 -10.94 -16.11 -10.52
C LEU B 194 -10.40 -14.73 -10.14
N ARG B 195 -11.31 -13.85 -9.67
CA ARG B 195 -11.04 -12.48 -9.26
C ARG B 195 -10.43 -12.43 -7.86
N LYS B 196 -10.96 -13.25 -6.92
CA LYS B 196 -10.43 -13.32 -5.54
C LYS B 196 -9.00 -13.82 -5.57
N HIS B 197 -8.78 -14.97 -6.25
CA HIS B 197 -7.47 -15.58 -6.42
C HIS B 197 -6.47 -14.59 -7.01
N SER B 198 -6.92 -13.71 -7.92
CA SER B 198 -6.08 -12.67 -8.52
C SER B 198 -5.72 -11.63 -7.47
N MET B 199 -6.74 -11.06 -6.78
CA MET B 199 -6.58 -10.05 -5.74
C MET B 199 -5.69 -10.46 -4.61
N ASP B 200 -5.65 -11.77 -4.31
CA ASP B 200 -4.81 -12.36 -3.27
C ASP B 200 -3.38 -12.36 -3.73
N ILE B 201 -3.15 -12.76 -5.00
CA ILE B 201 -1.81 -12.76 -5.61
C ILE B 201 -1.30 -11.31 -5.63
N THR B 202 -2.22 -10.35 -5.85
CA THR B 202 -1.91 -8.93 -5.83
C THR B 202 -1.41 -8.53 -4.43
N LEU B 203 -2.00 -9.10 -3.36
CA LEU B 203 -1.56 -8.80 -2.01
C LEU B 203 -0.15 -9.33 -1.85
N ASN B 204 0.05 -10.61 -2.24
CA ASN B 204 1.37 -11.27 -2.24
C ASN B 204 2.43 -10.38 -2.92
N SER B 205 2.09 -9.76 -4.06
CA SER B 205 2.99 -8.88 -4.80
C SER B 205 3.31 -7.58 -4.07
N TYR B 206 2.31 -6.95 -3.40
CA TYR B 206 2.57 -5.73 -2.64
C TYR B 206 3.42 -6.02 -1.40
N SER B 207 3.20 -7.22 -0.82
CA SER B 207 3.91 -7.78 0.33
C SER B 207 5.39 -7.91 -0.01
N LEU B 208 5.70 -8.47 -1.19
CA LEU B 208 7.07 -8.65 -1.67
C LEU B 208 7.72 -7.32 -2.01
N LEU B 209 6.96 -6.33 -2.50
CA LEU B 209 7.54 -5.02 -2.79
C LEU B 209 7.96 -4.33 -1.51
N SER B 210 7.07 -4.29 -0.50
CA SER B 210 7.39 -3.63 0.78
C SER B 210 8.56 -4.37 1.49
N ASP B 211 8.60 -5.72 1.36
CA ASP B 211 9.65 -6.53 1.96
C ASP B 211 10.99 -6.18 1.35
N THR B 212 11.05 -6.04 -0.02
CA THR B 212 12.28 -5.67 -0.74
C THR B 212 12.65 -4.21 -0.42
N VAL B 213 11.68 -3.27 -0.42
CA VAL B 213 11.98 -1.85 -0.13
C VAL B 213 12.46 -1.67 1.32
N ASP B 214 11.88 -2.41 2.30
CA ASP B 214 12.30 -2.28 3.69
C ASP B 214 13.74 -2.78 3.91
N ASN B 215 14.16 -3.77 3.08
CA ASN B 215 15.50 -4.36 3.14
C ASN B 215 16.31 -4.00 1.87
N MET B 216 16.14 -2.76 1.37
CA MET B 216 16.83 -2.31 0.16
C MET B 216 18.35 -2.21 0.39
N ILE B 217 18.77 -1.57 1.49
CA ILE B 217 20.16 -1.34 1.90
C ILE B 217 20.90 -2.67 1.88
N ALA B 218 20.31 -3.75 2.44
CA ALA B 218 20.90 -5.08 2.41
C ALA B 218 21.13 -5.58 0.97
N ALA B 219 20.11 -5.46 0.11
CA ALA B 219 20.16 -5.89 -1.28
C ALA B 219 21.12 -5.03 -2.11
N LYS B 220 21.21 -3.73 -1.78
CA LYS B 220 22.09 -2.75 -2.41
C LYS B 220 23.55 -3.11 -2.14
N LYS B 221 23.88 -3.29 -0.85
CA LYS B 221 25.23 -3.58 -0.37
C LYS B 221 25.72 -4.98 -0.77
N ASN B 222 24.82 -5.90 -1.10
CA ASN B 222 25.20 -7.25 -1.53
C ASN B 222 25.15 -7.34 -3.05
N ASN B 223 24.94 -6.18 -3.72
CA ASN B 223 24.80 -6.00 -5.18
C ASN B 223 23.82 -7.09 -5.74
N ALA B 224 22.65 -7.23 -5.08
CA ALA B 224 21.68 -8.29 -5.32
C ALA B 224 20.49 -7.87 -6.20
N LEU B 225 20.64 -6.78 -7.01
CA LEU B 225 19.58 -6.31 -7.91
C LEU B 225 18.93 -7.47 -8.66
N ARG B 226 19.73 -8.33 -9.30
CA ARG B 226 19.24 -9.48 -10.06
C ARG B 226 18.34 -10.38 -9.19
N LEU B 227 18.80 -10.83 -8.01
CA LEU B 227 18.02 -11.72 -7.13
C LEU B 227 16.69 -11.09 -6.66
N ILE B 228 16.75 -9.79 -6.30
CA ILE B 228 15.65 -8.97 -5.82
C ILE B 228 14.61 -8.75 -6.94
N SER B 229 15.10 -8.31 -8.13
CA SER B 229 14.32 -8.04 -9.34
C SER B 229 13.61 -9.31 -9.80
N GLU B 230 14.32 -10.44 -9.89
CA GLU B 230 13.74 -11.70 -10.33
C GLU B 230 12.62 -12.21 -9.44
N ARG B 231 12.72 -12.08 -8.09
CA ARG B 231 11.64 -12.60 -7.24
C ARG B 231 10.38 -11.70 -7.32
N TYR B 232 10.54 -10.38 -7.66
CA TYR B 232 9.43 -9.46 -7.89
C TYR B 232 8.78 -9.76 -9.25
N GLU B 233 9.63 -9.86 -10.30
CA GLU B 233 9.26 -10.22 -11.66
C GLU B 233 8.47 -11.54 -11.65
N ASP B 234 8.84 -12.51 -10.79
CA ASP B 234 8.10 -13.77 -10.70
C ASP B 234 6.71 -13.50 -10.16
N ALA B 235 6.61 -12.67 -9.08
CA ALA B 235 5.34 -12.29 -8.43
C ALA B 235 4.40 -11.60 -9.39
N LEU B 236 4.95 -10.64 -10.17
CA LEU B 236 4.21 -9.89 -11.19
C LEU B 236 3.70 -10.85 -12.26
N THR B 237 4.51 -11.87 -12.65
CA THR B 237 4.12 -12.87 -13.64
C THR B 237 2.99 -13.73 -13.06
N GLN B 238 3.03 -14.04 -11.76
CA GLN B 238 1.92 -14.77 -11.15
C GLN B 238 0.63 -13.89 -11.14
N GLU B 239 0.81 -12.54 -11.05
CA GLU B 239 -0.25 -11.54 -11.03
C GLU B 239 -0.90 -11.42 -12.42
N ASN B 240 -0.08 -11.23 -13.48
CA ASN B 240 -0.57 -11.13 -14.86
C ASN B 240 -1.35 -12.37 -15.25
N ASN B 241 -0.79 -13.55 -15.02
CA ASN B 241 -1.46 -14.80 -15.36
C ASN B 241 -2.81 -14.92 -14.68
N ALA B 242 -2.91 -14.51 -13.38
CA ALA B 242 -4.16 -14.56 -12.60
C ALA B 242 -5.18 -13.55 -13.12
N GLN B 243 -4.67 -12.42 -13.67
CA GLN B 243 -5.48 -11.34 -14.22
C GLN B 243 -6.00 -11.71 -15.61
N LYS B 244 -5.14 -12.31 -16.47
CA LYS B 244 -5.46 -12.78 -17.83
C LYS B 244 -6.54 -13.86 -17.79
N LYS B 245 -6.49 -14.72 -16.77
CA LYS B 245 -7.50 -15.77 -16.59
C LYS B 245 -8.88 -15.15 -16.35
N TYR B 246 -8.95 -14.02 -15.59
CA TYR B 246 -10.21 -13.33 -15.33
C TYR B 246 -10.65 -12.61 -16.58
N TRP B 247 -9.71 -11.93 -17.25
CA TRP B 247 -9.92 -11.16 -18.47
C TRP B 247 -10.65 -12.01 -19.51
N LEU B 248 -10.12 -13.21 -19.83
CA LEU B 248 -10.70 -14.13 -20.80
C LEU B 248 -12.11 -14.50 -20.45
N LEU B 249 -12.36 -14.99 -19.22
CA LEU B 249 -13.73 -15.33 -18.84
C LEU B 249 -14.66 -14.10 -18.95
N SER B 250 -14.21 -12.95 -18.42
CA SER B 250 -14.95 -11.69 -18.47
C SER B 250 -15.31 -11.33 -19.91
N SER B 251 -14.32 -11.42 -20.83
CA SER B 251 -14.43 -11.12 -22.26
C SER B 251 -15.34 -12.09 -22.96
N LYS B 252 -15.31 -13.40 -22.58
CA LYS B 252 -16.19 -14.40 -23.18
C LYS B 252 -17.64 -14.10 -22.84
N VAL B 253 -17.96 -13.95 -21.51
CA VAL B 253 -19.29 -13.61 -21.00
C VAL B 253 -19.87 -12.40 -21.77
N LEU B 254 -19.10 -11.29 -21.86
CA LEU B 254 -19.48 -10.09 -22.58
C LEU B 254 -19.77 -10.39 -24.06
N LEU B 255 -18.89 -11.16 -24.75
CA LEU B 255 -19.09 -11.50 -26.16
CA LEU B 255 -19.06 -11.54 -26.16
C LEU B 255 -20.35 -12.37 -26.35
N LEU B 256 -20.54 -13.40 -25.49
CA LEU B 256 -21.72 -14.26 -25.56
C LEU B 256 -23.00 -13.49 -25.26
N ASN B 257 -22.96 -12.57 -24.30
CA ASN B 257 -24.14 -11.77 -23.95
C ASN B 257 -24.49 -10.82 -25.09
N SER B 258 -23.45 -10.33 -25.81
CA SER B 258 -23.59 -9.41 -26.94
C SER B 258 -24.22 -10.13 -28.14
N LEU B 259 -23.68 -11.32 -28.48
CA LEU B 259 -24.17 -12.18 -29.56
C LEU B 259 -25.61 -12.63 -29.32
N LEU B 260 -25.98 -12.91 -28.04
CA LEU B 260 -27.34 -13.30 -27.70
C LEU B 260 -28.29 -12.14 -27.95
N ALA B 261 -27.91 -10.91 -27.50
CA ALA B 261 -28.68 -9.68 -27.70
C ALA B 261 -28.93 -9.39 -29.19
N VAL B 262 -27.86 -9.52 -30.02
CA VAL B 262 -27.94 -9.30 -31.46
C VAL B 262 -28.93 -10.30 -32.08
N ILE B 263 -28.85 -11.59 -31.70
CA ILE B 263 -29.75 -12.62 -32.24
C ILE B 263 -31.20 -12.38 -31.78
N LEU B 264 -31.44 -12.22 -30.47
CA LEU B 264 -32.81 -12.03 -29.98
C LEU B 264 -33.39 -10.67 -30.37
N PHE B 265 -32.75 -9.54 -30.02
CA PHE B 265 -33.31 -8.23 -30.35
C PHE B 265 -33.30 -7.93 -31.85
N GLY B 266 -32.36 -8.56 -32.58
CA GLY B 266 -32.26 -8.44 -34.03
C GLY B 266 -33.48 -9.02 -34.72
N SER B 267 -33.97 -10.17 -34.19
CA SER B 267 -35.18 -10.81 -34.69
C SER B 267 -36.39 -9.86 -34.46
N VAL B 268 -36.57 -9.32 -33.23
CA VAL B 268 -37.64 -8.38 -32.89
C VAL B 268 -37.59 -7.16 -33.86
N PHE B 269 -36.38 -6.71 -34.27
CA PHE B 269 -36.19 -5.61 -35.21
C PHE B 269 -36.61 -6.01 -36.63
N ILE B 270 -36.20 -7.21 -37.11
CA ILE B 270 -36.56 -7.72 -38.44
C ILE B 270 -38.08 -7.98 -38.52
N TYR B 271 -38.67 -8.58 -37.47
CA TYR B 271 -40.10 -8.89 -37.37
C TYR B 271 -40.91 -7.62 -37.55
N ASN B 272 -40.58 -6.55 -36.80
CA ASN B 272 -41.30 -5.28 -36.90
C ASN B 272 -41.00 -4.55 -38.20
N ILE B 273 -39.85 -4.81 -38.86
CA ILE B 273 -39.56 -4.22 -40.18
C ILE B 273 -40.58 -4.80 -41.17
N LEU B 274 -40.70 -6.14 -41.21
CA LEU B 274 -41.61 -6.85 -42.10
C LEU B 274 -43.07 -6.44 -41.80
N GLY B 275 -43.39 -6.25 -40.50
CA GLY B 275 -44.69 -5.77 -40.06
C GLY B 275 -45.01 -4.39 -40.61
N VAL B 276 -43.98 -3.52 -40.72
CA VAL B 276 -44.11 -2.17 -41.27
C VAL B 276 -44.23 -2.25 -42.81
N LEU B 277 -43.45 -3.14 -43.46
CA LEU B 277 -43.48 -3.29 -44.92
C LEU B 277 -44.81 -3.91 -45.44
N ASN B 278 -45.48 -4.69 -44.60
CA ASN B 278 -46.74 -5.34 -44.98
C ASN B 278 -47.95 -4.61 -44.37
N GLY B 279 -47.75 -3.38 -43.91
CA GLY B 279 -48.81 -2.58 -43.31
C GLY B 279 -49.47 -3.14 -42.05
N VAL B 280 -48.92 -4.25 -41.53
CA VAL B 280 -49.42 -4.94 -40.33
C VAL B 280 -49.14 -4.10 -39.06
N VAL B 281 -47.93 -3.48 -38.99
CA VAL B 281 -47.42 -2.65 -37.90
C VAL B 281 -47.25 -1.19 -38.36
N SER B 282 -47.63 -0.22 -37.49
CA SER B 282 -47.46 1.21 -37.78
C SER B 282 -45.98 1.62 -37.64
N ILE B 283 -45.59 2.78 -38.20
CA ILE B 283 -44.22 3.28 -38.09
C ILE B 283 -43.98 3.72 -36.64
N GLY B 284 -44.98 4.41 -36.04
CA GLY B 284 -44.93 4.81 -34.64
C GLY B 284 -44.54 3.66 -33.72
N HIS B 285 -45.20 2.52 -33.92
CA HIS B 285 -44.96 1.31 -33.15
C HIS B 285 -43.59 0.76 -33.46
N PHE B 286 -43.21 0.74 -34.74
CA PHE B 286 -41.89 0.25 -35.13
C PHE B 286 -40.78 1.03 -34.48
N ILE B 287 -40.94 2.37 -34.43
CA ILE B 287 -39.99 3.27 -33.79
C ILE B 287 -39.96 3.00 -32.28
N MET B 288 -41.16 2.75 -31.65
CA MET B 288 -41.26 2.41 -30.23
C MET B 288 -40.45 1.11 -29.91
N ILE B 289 -40.65 0.04 -30.70
CA ILE B 289 -39.89 -1.20 -30.52
C ILE B 289 -38.43 -0.91 -30.77
N THR B 290 -38.09 -0.17 -31.85
CA THR B 290 -36.69 0.20 -32.09
C THR B 290 -36.14 0.97 -30.86
N SER B 291 -36.90 1.98 -30.36
CA SER B 291 -36.53 2.78 -29.19
C SER B 291 -36.32 1.93 -27.94
N TYR B 292 -37.17 0.88 -27.75
CA TYR B 292 -37.04 0.01 -26.59
C TYR B 292 -35.81 -0.85 -26.69
N ILE B 293 -35.54 -1.45 -27.87
CA ILE B 293 -34.35 -2.28 -28.07
C ILE B 293 -33.07 -1.51 -27.63
N ILE B 294 -32.96 -0.22 -28.09
CA ILE B 294 -31.83 0.64 -27.77
C ILE B 294 -31.83 1.01 -26.28
N LEU B 295 -32.96 1.53 -25.74
CA LEU B 295 -33.08 1.92 -24.33
C LEU B 295 -32.71 0.78 -23.32
N LEU B 296 -33.14 -0.48 -23.64
CA LEU B 296 -32.92 -1.65 -22.79
C LEU B 296 -31.44 -2.03 -22.50
N SER B 297 -30.45 -1.58 -23.31
CA SER B 297 -29.05 -1.96 -23.10
C SER B 297 -28.54 -1.56 -21.70
N THR B 298 -28.70 -0.28 -21.28
CA THR B 298 -28.20 0.18 -19.97
C THR B 298 -28.85 -0.62 -18.82
N PRO B 299 -30.20 -0.84 -18.69
CA PRO B 299 -30.67 -1.70 -17.57
C PRO B 299 -30.14 -3.14 -17.66
N VAL B 300 -29.97 -3.72 -18.90
CA VAL B 300 -29.37 -5.07 -19.09
C VAL B 300 -27.93 -5.04 -18.54
N GLU B 301 -27.16 -3.97 -18.87
CA GLU B 301 -25.78 -3.75 -18.40
C GLU B 301 -25.75 -3.65 -16.88
N ASN B 302 -26.64 -2.85 -16.30
CA ASN B 302 -26.73 -2.67 -14.86
C ASN B 302 -27.15 -3.98 -14.14
N ILE B 303 -27.91 -4.86 -14.82
CA ILE B 303 -28.25 -6.16 -14.19
C ILE B 303 -26.99 -7.04 -14.21
N GLY B 304 -26.36 -7.19 -15.40
CA GLY B 304 -25.13 -7.96 -15.59
C GLY B 304 -24.06 -7.61 -14.58
N ALA B 305 -23.87 -6.28 -14.38
CA ALA B 305 -22.96 -5.70 -13.41
C ALA B 305 -23.32 -6.17 -12.01
N LEU B 306 -24.58 -5.95 -11.55
CA LEU B 306 -25.07 -6.35 -10.23
C LEU B 306 -24.80 -7.82 -9.94
N LEU B 307 -25.23 -8.70 -10.86
CA LEU B 307 -25.04 -10.14 -10.71
C LEU B 307 -23.57 -10.50 -10.53
N SER B 308 -22.66 -9.81 -11.28
CA SER B 308 -21.22 -10.02 -11.17
C SER B 308 -20.64 -9.31 -9.96
N GLU B 309 -20.61 -7.98 -10.00
CA GLU B 309 -20.05 -7.10 -8.99
C GLU B 309 -20.54 -7.41 -7.55
N ILE B 310 -21.88 -7.59 -7.31
CA ILE B 310 -22.34 -7.92 -5.96
C ILE B 310 -21.66 -9.23 -5.51
N ARG B 311 -21.77 -10.34 -6.29
CA ARG B 311 -21.15 -11.60 -5.88
C ARG B 311 -19.62 -11.52 -5.76
N GLN B 312 -18.92 -10.90 -6.72
CA GLN B 312 -17.47 -10.88 -6.62
C GLN B 312 -16.97 -9.95 -5.50
N SER B 313 -17.63 -8.79 -5.26
CA SER B 313 -17.17 -7.93 -4.18
C SER B 313 -17.61 -8.48 -2.82
N MET B 314 -18.59 -9.39 -2.79
CA MET B 314 -19.02 -9.99 -1.53
C MET B 314 -18.05 -11.10 -1.14
N SER B 315 -17.52 -11.82 -2.14
CA SER B 315 -16.54 -12.89 -1.95
C SER B 315 -15.22 -12.31 -1.44
N SER B 316 -14.64 -11.34 -2.18
CA SER B 316 -13.39 -10.67 -1.81
C SER B 316 -13.51 -9.94 -0.45
N LEU B 317 -14.71 -9.42 -0.14
CA LEU B 317 -14.89 -8.75 1.14
C LEU B 317 -15.09 -9.76 2.27
N ALA B 318 -15.68 -10.94 1.97
CA ALA B 318 -15.85 -12.01 2.97
C ALA B 318 -14.47 -12.41 3.51
N GLY B 319 -13.57 -12.77 2.58
CA GLY B 319 -12.19 -13.17 2.84
C GLY B 319 -11.40 -12.18 3.69
N PHE B 320 -11.66 -10.87 3.51
CA PHE B 320 -11.01 -9.81 4.30
C PHE B 320 -11.52 -9.83 5.74
N ILE B 321 -12.86 -9.83 5.96
CA ILE B 321 -13.47 -9.86 7.31
C ILE B 321 -12.97 -11.10 8.10
N GLN B 322 -12.75 -12.24 7.40
CA GLN B 322 -12.27 -13.50 7.99
C GLN B 322 -10.87 -13.33 8.60
N ARG B 323 -9.84 -13.05 7.79
CA ARG B 323 -8.45 -12.89 8.23
C ARG B 323 -8.20 -11.60 9.07
N HIS B 324 -9.25 -11.02 9.71
CA HIS B 324 -9.11 -9.78 10.50
C HIS B 324 -10.04 -9.71 11.73
N ALA B 325 -10.95 -10.69 11.91
CA ALA B 325 -11.89 -10.75 13.03
C ALA B 325 -12.05 -12.17 13.60
N GLU B 326 -11.35 -13.17 13.01
CA GLU B 326 -11.46 -14.60 13.37
C GLU B 326 -10.70 -15.01 14.65
N ASN B 327 -9.35 -15.08 14.58
CA ASN B 327 -8.47 -15.58 15.66
C ASN B 327 -8.69 -14.92 17.04
N LYS B 328 -9.45 -15.66 17.90
CA LYS B 328 -9.80 -15.36 19.29
C LYS B 328 -10.23 -16.66 19.98
N ALA B 329 -9.44 -17.10 20.99
CA ALA B 329 -9.70 -18.33 21.74
C ALA B 329 -10.88 -18.16 22.71
N THR B 330 -10.68 -17.47 23.87
CA THR B 330 -11.72 -17.25 24.88
C THR B 330 -11.50 -15.91 25.61
N SER B 331 -10.46 -15.83 26.48
CA SER B 331 -10.06 -14.70 27.33
C SER B 331 -11.18 -14.33 28.36
N PRO B 332 -11.19 -14.97 29.57
CA PRO B 332 -12.27 -14.67 30.55
C PRO B 332 -12.18 -13.27 31.17
N SER B 333 -10.99 -12.86 31.69
CA SER B 333 -10.67 -11.56 32.32
C SER B 333 -11.49 -11.27 33.61
N ILE B 334 -10.99 -10.33 34.44
CA ILE B 334 -11.61 -9.91 35.71
C ILE B 334 -12.30 -8.54 35.47
N PRO B 335 -13.53 -8.32 36.00
CA PRO B 335 -14.24 -7.05 35.77
C PRO B 335 -13.52 -5.79 36.24
N PHE B 336 -13.37 -5.60 37.56
CA PHE B 336 -12.70 -4.42 38.11
C PHE B 336 -11.51 -4.86 38.97
N LEU B 337 -10.34 -4.99 38.33
CA LEU B 337 -9.12 -5.40 39.03
C LEU B 337 -8.22 -4.21 39.27
N ASN B 338 -7.80 -4.07 40.53
CA ASN B 338 -6.90 -3.03 40.99
C ASN B 338 -5.70 -3.76 41.61
N MET B 339 -4.69 -4.00 40.76
CA MET B 339 -3.46 -4.73 41.07
C MET B 339 -2.67 -4.11 42.21
N GLU B 340 -2.07 -4.99 43.04
CA GLU B 340 -1.22 -4.66 44.20
C GLU B 340 0.09 -4.08 43.73
N ARG B 341 0.60 -3.06 44.44
CA ARG B 341 1.86 -2.36 44.15
C ARG B 341 3.05 -3.34 44.11
N LYS B 342 2.95 -4.42 44.90
CA LYS B 342 3.97 -5.47 45.02
C LYS B 342 3.43 -6.78 44.46
N LEU B 343 4.07 -7.30 43.42
CA LEU B 343 3.62 -8.52 42.77
C LEU B 343 4.74 -9.54 42.66
N ASN B 344 4.41 -10.80 42.91
CA ASN B 344 5.31 -11.96 42.86
C ASN B 344 4.92 -12.82 41.70
N LEU B 345 5.91 -13.37 41.01
CA LEU B 345 5.67 -14.19 39.83
C LEU B 345 5.84 -15.68 40.15
N SER B 346 4.86 -16.51 39.74
CA SER B 346 4.92 -17.95 40.00
C SER B 346 4.57 -18.74 38.73
N ILE B 347 5.61 -19.22 38.06
CA ILE B 347 5.48 -19.99 36.82
C ILE B 347 5.46 -21.48 37.21
N ARG B 348 4.35 -22.19 36.93
CA ARG B 348 4.22 -23.59 37.31
C ARG B 348 4.02 -24.51 36.09
N GLU B 349 5.06 -25.36 35.82
CA GLU B 349 5.14 -26.38 34.77
C GLU B 349 4.77 -25.82 33.37
N LEU B 350 5.22 -24.60 33.08
CA LEU B 350 4.97 -23.89 31.81
C LEU B 350 5.61 -24.61 30.62
N SER B 351 4.80 -24.86 29.60
CA SER B 351 5.16 -25.53 28.37
C SER B 351 4.69 -24.69 27.22
N PHE B 352 5.45 -24.69 26.11
CA PHE B 352 5.11 -23.91 24.93
C PHE B 352 5.76 -24.47 23.67
N SER B 353 5.07 -24.27 22.56
CA SER B 353 5.47 -24.57 21.20
C SER B 353 4.98 -23.42 20.35
N TYR B 354 5.78 -22.93 19.37
CA TYR B 354 5.31 -21.85 18.50
C TYR B 354 4.39 -22.46 17.46
N SER B 355 4.88 -23.54 16.81
CA SER B 355 4.16 -24.35 15.85
C SER B 355 3.78 -25.64 16.58
N ASP B 356 4.09 -26.79 15.96
CA ASP B 356 3.89 -28.13 16.50
C ASP B 356 5.10 -28.93 16.11
N ASP B 357 5.22 -30.16 16.65
CA ASP B 357 6.36 -31.06 16.42
C ASP B 357 7.57 -30.64 17.26
N LYS B 358 7.78 -29.31 17.46
CA LYS B 358 8.89 -28.78 18.26
C LYS B 358 8.42 -27.96 19.46
N LYS B 359 8.83 -28.39 20.67
CA LYS B 359 8.57 -27.74 21.95
C LYS B 359 9.70 -26.76 22.26
N ILE B 360 9.37 -25.51 22.61
CA ILE B 360 10.37 -24.49 22.90
C ILE B 360 10.60 -24.41 24.41
N LEU B 361 9.52 -24.44 25.23
CA LEU B 361 9.62 -24.45 26.69
C LEU B 361 9.09 -25.81 27.19
N ASN B 362 9.96 -26.64 27.82
CA ASN B 362 9.63 -27.99 28.28
C ASN B 362 8.70 -28.00 29.49
N SER B 363 9.15 -27.58 30.68
CA SER B 363 8.28 -27.53 31.85
C SER B 363 8.85 -26.57 32.88
N VAL B 364 9.01 -25.30 32.44
CA VAL B 364 9.56 -24.21 33.25
C VAL B 364 8.73 -24.00 34.53
N SER B 365 9.38 -24.22 35.66
CA SER B 365 8.84 -24.02 36.99
C SER B 365 9.79 -23.06 37.68
N LEU B 366 9.28 -21.86 37.98
CA LEU B 366 10.03 -20.76 38.60
C LEU B 366 9.18 -20.10 39.69
N ASP B 367 9.82 -19.33 40.57
CA ASP B 367 9.16 -18.61 41.66
C ASP B 367 10.03 -17.38 41.93
N LEU B 368 9.49 -16.21 41.64
CA LEU B 368 10.19 -14.94 41.76
C LEU B 368 9.41 -14.01 42.67
N PHE B 369 10.12 -13.04 43.31
CA PHE B 369 9.50 -12.17 44.30
C PHE B 369 9.86 -10.72 44.13
N THR B 370 8.99 -9.86 44.67
CA THR B 370 9.07 -8.40 44.68
C THR B 370 10.45 -7.86 45.11
N GLY B 371 10.79 -6.68 44.60
CA GLY B 371 12.02 -5.97 44.90
C GLY B 371 13.33 -6.70 44.65
N LYS B 372 13.30 -7.90 44.06
CA LYS B 372 14.52 -8.69 43.82
C LYS B 372 14.84 -8.77 42.34
N MET B 373 16.13 -8.67 41.99
CA MET B 373 16.59 -8.73 40.60
C MET B 373 17.02 -10.17 40.26
N TYR B 374 16.53 -10.72 39.15
CA TYR B 374 16.90 -12.07 38.74
C TYR B 374 17.49 -12.06 37.34
N SER B 375 18.47 -12.93 37.11
CA SER B 375 19.08 -13.03 35.79
C SER B 375 18.69 -14.33 35.12
N LEU B 376 18.42 -14.25 33.83
CA LEU B 376 18.06 -15.42 33.06
C LEU B 376 19.00 -15.49 31.90
N THR B 377 19.68 -16.65 31.74
CA THR B 377 20.59 -16.84 30.63
C THR B 377 20.46 -18.24 30.07
N GLY B 378 21.16 -18.47 28.98
CA GLY B 378 21.13 -19.74 28.28
C GLY B 378 21.56 -19.55 26.84
N PRO B 379 21.73 -20.65 26.08
CA PRO B 379 22.17 -20.49 24.68
C PRO B 379 21.09 -19.88 23.80
N SER B 380 21.49 -19.26 22.67
CA SER B 380 20.52 -18.66 21.74
C SER B 380 19.69 -19.77 21.11
N GLY B 381 18.44 -19.85 21.55
CA GLY B 381 17.53 -20.92 21.13
C GLY B 381 16.92 -21.68 22.29
N SER B 382 17.34 -21.34 23.52
CA SER B 382 16.82 -21.96 24.74
C SER B 382 15.37 -21.53 24.97
N GLY B 383 15.10 -20.24 24.80
CA GLY B 383 13.77 -19.67 24.93
C GLY B 383 13.61 -18.66 26.04
N LYS B 384 14.55 -17.70 26.14
CA LYS B 384 14.50 -16.67 27.18
C LYS B 384 13.42 -15.65 26.81
N SER B 385 13.51 -15.10 25.58
CA SER B 385 12.58 -14.18 24.96
C SER B 385 11.18 -14.80 24.98
N THR B 386 11.03 -16.03 24.45
CA THR B 386 9.76 -16.78 24.43
C THR B 386 9.08 -16.74 25.80
N LEU B 387 9.82 -17.15 26.86
CA LEU B 387 9.36 -17.21 28.23
C LEU B 387 8.86 -15.85 28.71
N VAL B 388 9.69 -14.78 28.56
CA VAL B 388 9.27 -13.46 29.02
C VAL B 388 8.10 -12.95 28.16
N LYS B 389 8.06 -13.30 26.86
CA LYS B 389 6.95 -12.91 25.97
C LYS B 389 5.63 -13.46 26.52
N ILE B 390 5.64 -14.75 26.98
CA ILE B 390 4.47 -15.44 27.54
C ILE B 390 4.06 -14.77 28.86
N ILE B 391 5.08 -14.38 29.68
CA ILE B 391 4.86 -13.64 30.94
C ILE B 391 4.21 -12.26 30.59
N SER B 392 4.63 -11.67 29.44
CA SER B 392 4.18 -10.38 28.91
C SER B 392 2.90 -10.51 28.08
N GLY B 393 2.28 -11.69 28.11
CA GLY B 393 1.03 -12.00 27.41
C GLY B 393 1.06 -11.91 25.89
N TYR B 394 2.22 -12.18 25.26
CA TYR B 394 2.32 -12.18 23.79
C TYR B 394 1.51 -13.35 23.21
N TYR B 395 1.58 -14.49 23.91
CA TYR B 395 0.94 -15.75 23.54
C TYR B 395 0.10 -16.26 24.72
N LYS B 396 -1.05 -16.91 24.42
CA LYS B 396 -1.96 -17.46 25.44
C LYS B 396 -2.15 -18.98 25.26
N ASN B 397 -1.61 -19.55 24.16
CA ASN B 397 -1.70 -20.97 23.85
C ASN B 397 -0.55 -21.73 24.57
N TYR B 398 -0.56 -21.71 25.91
CA TYR B 398 0.47 -22.38 26.71
C TYR B 398 -0.09 -23.41 27.67
N PHE B 399 0.68 -24.47 27.91
CA PHE B 399 0.36 -25.52 28.88
C PHE B 399 1.00 -25.14 30.21
N GLY B 400 0.31 -25.38 31.31
CA GLY B 400 0.79 -25.00 32.64
C GLY B 400 0.11 -23.72 33.07
N ASP B 401 0.58 -23.12 34.16
CA ASP B 401 -0.05 -21.90 34.70
C ASP B 401 0.99 -20.85 35.13
N ILE B 402 0.59 -19.57 35.10
CA ILE B 402 1.43 -18.43 35.53
C ILE B 402 0.57 -17.56 36.44
N TYR B 403 1.04 -17.33 37.68
CA TYR B 403 0.28 -16.56 38.66
C TYR B 403 0.97 -15.24 38.98
N LEU B 404 0.20 -14.31 39.51
CA LEU B 404 0.63 -12.98 39.91
C LEU B 404 -0.07 -12.66 41.22
N ASN B 405 0.43 -13.25 42.35
CA ASN B 405 -0.14 -13.12 43.69
C ASN B 405 -1.53 -13.78 43.71
N ASP B 406 -1.58 -15.11 43.44
CA ASP B 406 -2.78 -15.98 43.40
C ASP B 406 -3.58 -15.85 42.09
N ILE B 407 -3.69 -14.62 41.51
CA ILE B 407 -4.39 -14.33 40.24
C ILE B 407 -3.63 -14.91 39.04
N SER B 408 -4.29 -15.77 38.23
CA SER B 408 -3.66 -16.36 37.03
C SER B 408 -3.62 -15.34 35.91
N LEU B 409 -2.65 -15.47 34.97
CA LEU B 409 -2.52 -14.57 33.80
C LEU B 409 -3.76 -14.64 32.91
N ARG B 410 -4.30 -15.87 32.76
CA ARG B 410 -5.48 -16.18 31.97
C ARG B 410 -6.69 -15.33 32.40
N ASN B 411 -6.77 -15.01 33.70
CA ASN B 411 -7.84 -14.20 34.24
C ASN B 411 -7.40 -12.71 34.38
N ILE B 412 -6.30 -12.30 33.73
CA ILE B 412 -5.88 -10.89 33.79
C ILE B 412 -6.11 -10.24 32.41
N SER B 413 -6.76 -9.06 32.41
CA SER B 413 -7.05 -8.29 31.21
C SER B 413 -5.76 -7.74 30.63
N ASP B 414 -5.60 -7.83 29.28
CA ASP B 414 -4.41 -7.36 28.56
C ASP B 414 -4.04 -5.93 28.91
N GLU B 415 -5.01 -5.08 29.28
CA GLU B 415 -4.73 -3.72 29.71
C GLU B 415 -4.02 -3.74 31.07
N ASP B 416 -4.55 -4.48 32.08
CA ASP B 416 -4.01 -4.61 33.44
C ASP B 416 -2.61 -5.26 33.47
N LEU B 417 -2.44 -6.35 32.71
CA LEU B 417 -1.18 -7.07 32.52
C LEU B 417 -0.10 -6.11 32.03
N ASN B 418 -0.41 -5.30 31.01
CA ASN B 418 0.49 -4.32 30.43
C ASN B 418 0.77 -3.17 31.38
N ASP B 419 -0.07 -2.96 32.40
CA ASP B 419 0.14 -1.92 33.42
C ASP B 419 1.01 -2.47 34.56
N ALA B 420 0.89 -3.80 34.82
CA ALA B 420 1.62 -4.53 35.85
C ALA B 420 3.03 -4.88 35.43
N ILE B 421 3.21 -5.28 34.19
CA ILE B 421 4.50 -5.70 33.62
C ILE B 421 4.94 -4.72 32.53
N TYR B 422 6.24 -4.49 32.42
CA TYR B 422 6.76 -3.70 31.30
C TYR B 422 7.93 -4.44 30.69
N TYR B 423 7.74 -4.88 29.46
CA TYR B 423 8.74 -5.66 28.75
C TYR B 423 9.57 -4.75 27.86
N LEU B 424 10.89 -4.74 28.08
CA LEU B 424 11.84 -4.03 27.24
C LEU B 424 12.41 -5.07 26.29
N THR B 425 11.83 -5.09 25.08
CA THR B 425 12.07 -5.99 23.96
C THR B 425 13.53 -6.05 23.48
N GLN B 426 13.93 -7.22 22.92
CA GLN B 426 15.25 -7.46 22.33
C GLN B 426 15.49 -6.47 21.19
N ASP B 427 14.50 -6.27 20.29
CA ASP B 427 14.61 -5.27 19.21
C ASP B 427 13.80 -4.05 19.58
N ASP B 428 14.22 -2.87 19.08
CA ASP B 428 13.55 -1.62 19.37
C ASP B 428 12.40 -1.33 18.38
N TYR B 429 11.35 -0.63 18.89
CA TYR B 429 10.19 -0.22 18.12
C TYR B 429 10.00 1.29 18.29
N ILE B 430 10.65 2.06 17.40
CA ILE B 430 10.59 3.51 17.41
C ILE B 430 9.64 3.98 16.30
N PHE B 431 8.70 4.84 16.70
CA PHE B 431 7.69 5.40 15.81
C PHE B 431 8.26 6.54 15.01
N MET B 432 7.95 6.60 13.71
CA MET B 432 8.37 7.72 12.89
C MET B 432 7.46 8.92 13.27
N ASP B 433 7.97 9.73 14.19
CA ASP B 433 7.29 10.89 14.77
C ASP B 433 8.28 11.65 15.64
N THR B 434 7.78 12.55 16.51
CA THR B 434 8.62 13.31 17.46
C THR B 434 9.06 12.40 18.60
N LEU B 435 10.16 12.77 19.27
CA LEU B 435 10.65 12.06 20.43
C LEU B 435 9.55 12.08 21.49
N ARG B 436 8.86 13.25 21.61
CA ARG B 436 7.72 13.47 22.50
C ARG B 436 6.66 12.38 22.29
N PHE B 437 6.30 12.11 21.00
CA PHE B 437 5.32 11.09 20.64
C PHE B 437 5.78 9.70 21.08
N ASN B 438 7.06 9.35 20.82
CA ASN B 438 7.62 8.06 21.20
C ASN B 438 7.59 7.83 22.69
N LEU B 439 7.69 8.90 23.48
CA LEU B 439 7.66 8.76 24.93
C LEU B 439 6.21 8.81 25.44
N ARG B 440 5.34 9.61 24.78
CA ARG B 440 3.91 9.71 25.14
C ARG B 440 3.18 8.38 24.89
N LEU B 441 3.83 7.45 24.16
CA LEU B 441 3.35 6.10 23.90
C LEU B 441 3.19 5.37 25.25
N ALA B 442 4.15 5.60 26.17
CA ALA B 442 4.20 5.03 27.51
C ALA B 442 3.13 5.60 28.45
N ASN B 443 2.86 6.93 28.35
CA ASN B 443 1.84 7.64 29.14
C ASN B 443 1.35 8.88 28.37
N TYR B 444 0.09 8.85 27.92
CA TYR B 444 -0.56 9.91 27.14
C TYR B 444 -0.62 11.25 27.89
N ASP B 445 -1.05 11.21 29.16
CA ASP B 445 -1.29 12.38 30.01
C ASP B 445 0.01 13.03 30.58
N ALA B 446 1.20 12.50 30.26
CA ALA B 446 2.48 13.01 30.74
C ALA B 446 2.75 14.44 30.27
N SER B 447 3.14 15.32 31.21
CA SER B 447 3.44 16.74 30.97
C SER B 447 4.84 16.89 30.37
N GLU B 448 5.14 18.06 29.77
CA GLU B 448 6.45 18.40 29.18
C GLU B 448 7.64 18.14 30.14
N ASN B 449 7.46 18.38 31.45
CA ASN B 449 8.50 18.20 32.46
C ASN B 449 8.69 16.71 32.76
N GLU B 450 7.59 15.94 33.01
CA GLU B 450 7.62 14.50 33.29
C GLU B 450 8.41 13.74 32.23
N ILE B 451 8.27 14.19 30.97
CA ILE B 451 8.91 13.63 29.78
C ILE B 451 10.40 14.00 29.76
N PHE B 452 10.74 15.29 30.03
CA PHE B 452 12.14 15.74 30.01
C PHE B 452 12.93 15.12 31.19
N LYS B 453 12.28 14.93 32.36
CA LYS B 453 12.84 14.30 33.56
C LYS B 453 13.31 12.88 33.23
N VAL B 454 12.48 12.16 32.47
CA VAL B 454 12.66 10.80 31.98
C VAL B 454 13.85 10.72 31.02
N LEU B 455 14.14 11.80 30.25
CA LEU B 455 15.28 11.80 29.32
C LEU B 455 16.58 11.68 30.09
N LYS B 456 16.70 12.37 31.24
CA LYS B 456 17.89 12.30 32.12
C LYS B 456 18.09 10.87 32.62
N LEU B 457 17.00 10.20 33.05
CA LEU B 457 16.98 8.83 33.56
C LEU B 457 17.41 7.81 32.51
N ALA B 458 17.16 8.11 31.25
CA ALA B 458 17.56 7.25 30.15
C ALA B 458 18.86 7.75 29.50
N ASN B 459 19.45 8.85 30.06
CA ASN B 459 20.66 9.54 29.59
C ASN B 459 20.46 9.99 28.15
N LEU B 460 19.32 10.61 27.87
CA LEU B 460 18.94 11.12 26.56
C LEU B 460 18.56 12.60 26.63
N SER B 461 19.03 13.32 27.67
CA SER B 461 18.75 14.75 27.84
C SER B 461 19.76 15.62 27.06
N VAL B 462 20.96 15.06 26.73
CA VAL B 462 22.03 15.74 25.97
C VAL B 462 22.68 14.75 25.00
N VAL B 463 22.81 15.16 23.70
CA VAL B 463 23.46 14.40 22.62
C VAL B 463 24.45 15.35 21.91
N ASN B 464 25.75 14.95 21.85
CA ASN B 464 26.87 15.68 21.24
C ASN B 464 27.00 17.11 21.82
N ASN B 465 27.09 17.19 23.18
CA ASN B 465 27.20 18.42 23.99
C ASN B 465 26.03 19.41 23.73
N GLU B 466 24.94 18.94 23.08
CA GLU B 466 23.76 19.75 22.75
C GLU B 466 22.51 19.23 23.48
N PRO B 467 21.64 20.11 24.03
CA PRO B 467 20.43 19.63 24.72
C PRO B 467 19.43 19.03 23.73
N VAL B 468 18.92 17.84 24.05
CA VAL B 468 17.98 17.11 23.20
C VAL B 468 16.58 17.75 23.27
N SER B 469 16.03 18.08 22.07
CA SER B 469 14.68 18.64 21.92
C SER B 469 13.63 17.52 21.85
N LEU B 470 12.49 17.71 22.51
CA LEU B 470 11.40 16.73 22.50
C LEU B 470 10.70 16.68 21.13
N ASP B 471 10.97 17.69 20.28
CA ASP B 471 10.43 17.86 18.93
C ASP B 471 11.37 17.27 17.88
N THR B 472 12.38 16.48 18.30
CA THR B 472 13.33 15.84 17.36
C THR B 472 12.54 14.88 16.47
N HIS B 473 12.55 15.12 15.14
CA HIS B 473 11.82 14.22 14.27
C HIS B 473 12.63 12.95 14.08
N LEU B 474 11.97 11.78 14.27
CA LEU B 474 12.58 10.48 14.14
C LEU B 474 12.12 9.78 12.87
N ILE B 475 13.09 9.50 11.98
CA ILE B 475 12.99 8.82 10.68
C ILE B 475 12.42 7.37 10.86
N ASN B 476 12.10 6.69 9.71
CA ASN B 476 11.62 5.30 9.67
C ASN B 476 12.58 4.40 10.48
N ARG B 477 12.02 3.60 11.43
CA ARG B 477 12.71 2.67 12.34
C ARG B 477 13.72 3.40 13.26
N GLY B 478 13.57 4.72 13.39
CA GLY B 478 14.43 5.58 14.20
C GLY B 478 15.91 5.54 13.84
N ASN B 479 16.26 5.21 12.57
CA ASN B 479 17.64 5.12 12.07
C ASN B 479 18.31 6.53 11.91
N ASN B 480 17.65 7.51 12.51
CA ASN B 480 18.01 8.91 12.71
C ASN B 480 18.90 8.98 13.97
N TYR B 481 18.80 7.92 14.79
CA TYR B 481 19.47 7.71 16.05
C TYR B 481 20.33 6.46 16.01
N SER B 482 21.40 6.50 16.82
CA SER B 482 22.36 5.42 17.01
C SER B 482 21.71 4.24 17.73
N GLY B 483 22.22 3.03 17.50
CA GLY B 483 21.73 1.79 18.10
C GLY B 483 21.39 1.90 19.57
N GLY B 484 22.31 2.49 20.32
CA GLY B 484 22.21 2.76 21.76
C GLY B 484 21.20 3.85 22.07
N GLN B 485 21.16 4.93 21.25
CA GLN B 485 20.20 6.03 21.41
C GLN B 485 18.78 5.51 21.20
N LYS B 486 18.63 4.47 20.33
CA LYS B 486 17.34 3.80 20.07
C LYS B 486 16.92 3.08 21.36
N GLN B 487 17.84 2.27 21.94
CA GLN B 487 17.63 1.53 23.18
C GLN B 487 17.22 2.45 24.32
N ARG B 488 17.81 3.66 24.35
CA ARG B 488 17.55 4.66 25.38
C ARG B 488 16.11 5.21 25.26
N ILE B 489 15.55 5.33 24.01
CA ILE B 489 14.15 5.77 23.79
C ILE B 489 13.23 4.79 24.51
N SER B 490 13.39 3.49 24.20
CA SER B 490 12.62 2.41 24.78
C SER B 490 12.80 2.38 26.31
N LEU B 491 14.03 2.67 26.80
CA LEU B 491 14.33 2.72 28.24
C LEU B 491 13.62 3.90 28.91
N ALA B 492 13.60 5.08 28.24
CA ALA B 492 12.94 6.28 28.73
C ALA B 492 11.45 6.05 28.93
N ARG B 493 10.84 5.19 28.07
CA ARG B 493 9.42 4.84 28.15
C ARG B 493 9.09 4.21 29.48
N LEU B 494 9.95 3.29 29.95
CA LEU B 494 9.81 2.57 31.22
C LEU B 494 9.65 3.52 32.41
N PHE B 495 10.38 4.65 32.42
CA PHE B 495 10.33 5.62 33.51
C PHE B 495 8.98 6.36 33.61
N LEU B 496 8.20 6.48 32.51
CA LEU B 496 6.86 7.10 32.51
C LEU B 496 5.78 6.11 32.96
N ARG B 497 6.05 4.83 32.71
CA ARG B 497 5.22 3.71 33.11
C ARG B 497 5.39 3.47 34.64
N LYS B 498 4.49 2.69 35.26
CA LYS B 498 4.57 2.36 36.70
C LYS B 498 4.32 0.85 36.88
N PRO B 499 5.30 -0.04 36.52
CA PRO B 499 5.06 -1.48 36.63
C PRO B 499 5.60 -2.15 37.91
N ALA B 500 5.06 -3.34 38.16
CA ALA B 500 5.41 -4.23 39.27
C ALA B 500 6.54 -5.13 38.85
N ILE B 501 6.50 -5.63 37.60
CA ILE B 501 7.54 -6.46 37.00
C ILE B 501 8.20 -5.65 35.87
N ILE B 502 9.55 -5.70 35.77
CA ILE B 502 10.30 -5.02 34.69
C ILE B 502 11.21 -6.05 34.00
N ILE B 503 10.94 -6.35 32.74
CA ILE B 503 11.78 -7.31 32.01
C ILE B 503 12.72 -6.55 31.08
N ILE B 504 14.03 -6.86 31.15
CA ILE B 504 15.05 -6.21 30.32
C ILE B 504 15.70 -7.29 29.39
N ASP B 505 15.06 -7.60 28.23
CA ASP B 505 15.60 -8.65 27.35
C ASP B 505 16.68 -8.07 26.48
N GLU B 506 17.96 -8.23 26.89
CA GLU B 506 19.17 -7.77 26.18
C GLU B 506 18.96 -6.32 25.64
N ALA B 507 18.12 -5.56 26.36
CA ALA B 507 17.66 -4.22 26.04
C ALA B 507 18.70 -3.11 26.28
N THR B 508 19.90 -3.48 26.78
CA THR B 508 21.02 -2.54 27.04
C THR B 508 22.27 -2.89 26.22
N SER B 509 22.23 -3.97 25.41
CA SER B 509 23.36 -4.51 24.63
C SER B 509 24.12 -3.49 23.76
N ALA B 510 23.42 -2.50 23.16
CA ALA B 510 24.03 -1.47 22.32
C ALA B 510 24.65 -0.30 23.12
N LEU B 511 24.47 -0.25 24.46
CA LEU B 511 25.02 0.82 25.30
C LEU B 511 26.46 0.55 25.80
N ASP B 512 27.22 1.65 26.09
CA ASP B 512 28.56 1.57 26.66
C ASP B 512 28.47 1.28 28.17
N TYR B 513 29.57 0.78 28.77
CA TYR B 513 29.66 0.33 30.15
C TYR B 513 29.14 1.39 31.17
N ILE B 514 29.45 2.68 30.94
CA ILE B 514 29.07 3.84 31.78
C ILE B 514 27.55 3.98 31.78
N ASN B 515 26.98 4.16 30.57
CA ASN B 515 25.55 4.33 30.33
C ASN B 515 24.76 3.13 30.84
N GLU B 516 25.16 1.89 30.44
CA GLU B 516 24.51 0.64 30.84
C GLU B 516 24.28 0.60 32.34
N SER B 517 25.36 0.82 33.12
CA SER B 517 25.37 0.80 34.57
C SER B 517 24.51 1.93 35.16
N GLU B 518 24.65 3.17 34.65
CA GLU B 518 23.90 4.34 35.11
C GLU B 518 22.39 4.15 34.96
N ILE B 519 21.94 3.65 33.78
CA ILE B 519 20.51 3.44 33.49
C ILE B 519 19.99 2.30 34.38
N LEU B 520 20.67 1.13 34.37
CA LEU B 520 20.31 -0.04 35.18
C LEU B 520 20.25 0.31 36.67
N SER B 521 21.06 1.30 37.10
CA SER B 521 21.07 1.80 38.46
C SER B 521 19.81 2.58 38.70
N SER B 522 19.50 3.54 37.76
CA SER B 522 18.34 4.44 37.77
C SER B 522 17.05 3.66 37.76
N ILE B 523 17.03 2.49 37.09
CA ILE B 523 15.87 1.60 37.05
C ILE B 523 15.54 1.15 38.49
N ARG B 524 16.51 0.54 39.20
CA ARG B 524 16.36 0.04 40.58
C ARG B 524 16.05 1.14 41.59
N THR B 525 16.62 2.34 41.38
CA THR B 525 16.40 3.51 42.23
C THR B 525 14.92 3.98 42.09
N HIS B 526 14.51 4.24 40.83
CA HIS B 526 13.19 4.72 40.46
CA HIS B 526 13.19 4.72 40.46
C HIS B 526 12.09 3.69 40.77
N PHE B 527 12.39 2.38 40.64
CA PHE B 527 11.44 1.30 40.89
C PHE B 527 12.02 0.38 41.98
N PRO B 528 11.92 0.80 43.27
CA PRO B 528 12.55 0.01 44.34
C PRO B 528 11.88 -1.33 44.61
N ASP B 529 10.55 -1.39 44.54
CA ASP B 529 9.80 -2.60 44.81
C ASP B 529 9.60 -3.46 43.54
N ALA B 530 10.16 -3.05 42.38
CA ALA B 530 9.95 -3.80 41.14
C ALA B 530 10.75 -5.07 41.00
N LEU B 531 10.06 -6.20 40.69
CA LEU B 531 10.67 -7.50 40.39
C LEU B 531 11.37 -7.32 39.03
N ILE B 532 12.68 -7.61 38.94
CA ILE B 532 13.36 -7.39 37.65
C ILE B 532 13.89 -8.68 37.03
N ILE B 533 13.40 -9.05 35.84
CA ILE B 533 13.97 -10.18 35.13
C ILE B 533 14.97 -9.58 34.12
N ASN B 534 16.21 -10.07 34.13
CA ASN B 534 17.24 -9.58 33.23
C ASN B 534 17.80 -10.70 32.35
N ILE B 535 17.67 -10.55 31.02
CA ILE B 535 18.21 -11.54 30.09
C ILE B 535 19.51 -10.95 29.56
N SER B 536 20.63 -11.70 29.74
CA SER B 536 21.98 -11.35 29.31
C SER B 536 22.93 -12.57 29.20
N HIS B 537 23.92 -12.46 28.30
CA HIS B 537 25.01 -13.42 28.05
C HIS B 537 26.30 -12.94 28.75
N ARG B 538 26.21 -11.82 29.50
CA ARG B 538 27.34 -11.15 30.12
C ARG B 538 27.35 -11.29 31.64
N ILE B 539 28.53 -11.73 32.14
CA ILE B 539 28.85 -12.06 33.52
C ILE B 539 28.55 -10.91 34.47
N ASN B 540 28.91 -9.64 34.14
CA ASN B 540 28.67 -8.49 35.01
C ASN B 540 27.19 -8.23 35.25
N LEU B 541 26.33 -8.52 34.24
CA LEU B 541 24.87 -8.33 34.35
C LEU B 541 24.25 -9.48 35.11
N LEU B 542 24.90 -10.67 35.06
CA LEU B 542 24.52 -11.89 35.77
C LEU B 542 24.94 -11.83 37.26
N GLU B 543 26.12 -11.28 37.54
CA GLU B 543 26.74 -11.11 38.86
C GLU B 543 25.84 -10.29 39.79
N CYS B 544 25.35 -9.13 39.32
CA CYS B 544 24.57 -8.13 40.04
C CYS B 544 23.22 -8.65 40.58
N SER B 545 22.67 -9.71 39.97
CA SER B 545 21.37 -10.28 40.35
C SER B 545 21.37 -11.02 41.71
N ASP B 546 20.19 -11.05 42.37
CA ASP B 546 19.92 -11.74 43.63
C ASP B 546 19.90 -13.27 43.40
N CYS B 547 19.60 -13.71 42.17
CA CYS B 547 19.58 -15.12 41.78
C CYS B 547 19.71 -15.25 40.27
N VAL B 548 20.36 -16.32 39.79
CA VAL B 548 20.57 -16.58 38.36
C VAL B 548 19.85 -17.87 37.97
N TYR B 549 19.16 -17.86 36.83
CA TYR B 549 18.45 -18.99 36.26
C TYR B 549 19.03 -19.32 34.90
N VAL B 550 19.38 -20.60 34.68
CA VAL B 550 19.98 -21.02 33.42
C VAL B 550 18.98 -21.87 32.67
N LEU B 551 18.56 -21.39 31.49
CA LEU B 551 17.64 -22.09 30.62
C LEU B 551 18.42 -22.83 29.52
N ASN B 552 18.18 -24.14 29.37
CA ASN B 552 18.82 -24.95 28.34
C ASN B 552 17.78 -25.86 27.69
N GLU B 553 17.56 -25.68 26.35
CA GLU B 553 16.62 -26.43 25.51
C GLU B 553 15.24 -26.53 26.16
N GLY B 554 14.72 -25.37 26.57
CA GLY B 554 13.38 -25.29 27.13
C GLY B 554 13.25 -25.44 28.62
N ASN B 555 14.11 -26.26 29.24
CA ASN B 555 14.04 -26.49 30.69
C ASN B 555 15.08 -25.68 31.45
N ILE B 556 14.69 -25.26 32.67
CA ILE B 556 15.51 -24.52 33.62
C ILE B 556 16.47 -25.57 34.26
N VAL B 557 17.76 -25.51 33.91
CA VAL B 557 18.77 -26.49 34.33
C VAL B 557 19.55 -26.09 35.61
N ALA B 558 19.60 -24.80 35.99
CA ALA B 558 20.39 -24.37 37.16
C ALA B 558 19.85 -23.10 37.79
N SER B 559 19.90 -23.04 39.13
CA SER B 559 19.41 -21.89 39.89
C SER B 559 20.43 -21.44 40.99
N GLY B 560 20.12 -20.38 41.73
CA GLY B 560 20.98 -19.90 42.81
C GLY B 560 21.89 -18.75 42.44
N HIS B 561 22.85 -18.39 43.35
CA HIS B 561 23.81 -17.28 43.17
C HIS B 561 24.74 -17.57 42.02
N PHE B 562 25.26 -16.51 41.37
CA PHE B 562 26.16 -16.64 40.22
C PHE B 562 27.44 -17.38 40.60
N ARG B 563 28.05 -17.03 41.74
CA ARG B 563 29.30 -17.62 42.26
C ARG B 563 29.15 -19.13 42.51
N ASP B 564 27.98 -19.56 43.01
CA ASP B 564 27.65 -20.96 43.27
C ASP B 564 27.43 -21.74 41.96
N LEU B 565 27.27 -21.01 40.82
CA LEU B 565 26.96 -21.55 39.49
C LEU B 565 28.09 -21.49 38.47
N MET B 566 29.01 -20.52 38.61
CA MET B 566 30.09 -20.30 37.65
C MET B 566 31.07 -21.49 37.50
N VAL B 567 30.93 -22.49 38.36
CA VAL B 567 31.74 -23.69 38.29
C VAL B 567 30.79 -24.92 38.08
N SER B 568 29.66 -24.97 38.86
CA SER B 568 28.66 -26.05 38.81
C SER B 568 28.09 -26.23 37.42
N ASN B 569 27.50 -25.15 36.87
CA ASN B 569 26.81 -25.12 35.57
C ASN B 569 27.76 -25.06 34.34
N GLU B 570 27.45 -25.91 33.34
CA GLU B 570 28.18 -26.06 32.08
C GLU B 570 28.12 -24.80 31.21
N TYR B 571 26.98 -24.12 31.18
CA TYR B 571 26.82 -22.93 30.35
C TYR B 571 27.55 -21.74 30.94
N ILE B 572 27.30 -21.38 32.21
CA ILE B 572 27.89 -20.22 32.89
C ILE B 572 29.42 -20.35 33.00
N SER B 573 29.93 -21.59 33.05
CA SER B 573 31.38 -21.82 33.04
C SER B 573 31.93 -21.48 31.62
N GLY B 574 31.11 -21.74 30.60
CA GLY B 574 31.39 -21.43 29.19
C GLY B 574 31.45 -19.94 28.92
N LEU B 575 30.65 -19.16 29.68
CA LEU B 575 30.64 -17.70 29.63
C LEU B 575 31.89 -17.18 30.32
N ALA B 576 32.13 -17.70 31.55
CA ALA B 576 33.27 -17.39 32.42
C ALA B 576 34.52 -18.17 31.96
N SER B 577 34.77 -18.14 30.64
CA SER B 577 35.92 -18.73 29.95
C SER B 577 36.95 -17.63 29.79
N VAL B 578 36.45 -16.42 29.48
CA VAL B 578 37.22 -15.19 29.34
C VAL B 578 37.69 -14.77 30.76
N THR B 579 38.90 -14.17 30.84
CA THR B 579 39.56 -13.68 32.07
C THR B 579 39.67 -14.79 33.14
#